data_3KE8
#
_entry.id   3KE8
#
_cell.length_a   70.890
_cell.length_b   80.660
_cell.length_c   111.160
_cell.angle_alpha   90.00
_cell.angle_beta   90.00
_cell.angle_gamma   90.00
#
_symmetry.space_group_name_H-M   'P 21 21 21'
#
loop_
_entity.id
_entity.type
_entity.pdbx_description
1 polymer '4-hydroxy-3-methylbut-2-enyl diphosphate reductase'
2 non-polymer 'IRON/SULFUR CLUSTER'
3 non-polymer '4-HYDROXY-3-METHYL BUTYL DIPHOSPHATE'
4 water water
#
_entity_poly.entity_id   1
_entity_poly.type   'polypeptide(L)'
_entity_poly.pdbx_seq_one_letter_code
;MRGSHHHHHHMQILLANPRGFCAGVDRAISIVENALAIYGAPIYVRHEVVHNRYVVDSLRERGAIFIEQISEVPDGAILI
FSAHGVSQAVRNEAKSRDLTVFDATCPLVTKVHMEVARASRRGEESILIGHAGHPEVEGTMGQYSNPEGGMYLVESPDDV
WKLTVKNEEKLSFMTQTTLSVDDTSDVIDALRKRFPKIVGPRKDDICYATTNRQEAVRALAEQAEVVLVVGSKNSSNSNR
LAELAQRMGKRAFLIDDAKDIQEEWVKEVKCVGVTAGASAPDILVQNVVARLQQLGGGEAIPLEGREENIVFEVPKELRV
DIREVD
;
_entity_poly.pdbx_strand_id   A,B
#
loop_
_chem_comp.id
_chem_comp.type
_chem_comp.name
_chem_comp.formula
EIP non-polymer '4-HYDROXY-3-METHYL BUTYL DIPHOSPHATE' 'C5 H14 O8 P2'
SF4 non-polymer 'IRON/SULFUR CLUSTER' 'Fe4 S4'
#
# COMPACT_ATOMS: atom_id res chain seq x y z
N MET A 11 -5.60 34.15 -20.37
CA MET A 11 -5.65 32.66 -20.31
C MET A 11 -5.47 32.16 -18.88
N GLN A 12 -6.34 31.24 -18.47
CA GLN A 12 -6.29 30.68 -17.13
C GLN A 12 -5.49 29.37 -17.14
N ILE A 13 -4.62 29.22 -16.16
CA ILE A 13 -3.80 28.02 -16.03
C ILE A 13 -4.27 27.20 -14.84
N LEU A 14 -4.64 25.95 -15.11
CA LEU A 14 -5.11 25.05 -14.07
C LEU A 14 -4.09 23.92 -13.89
N LEU A 15 -3.92 23.47 -12.66
CA LEU A 15 -2.98 22.40 -12.36
C LEU A 15 -3.75 21.21 -11.79
N ALA A 16 -3.51 20.03 -12.35
CA ALA A 16 -4.18 18.83 -11.89
C ALA A 16 -3.63 18.36 -10.55
N ASN A 17 -4.48 17.72 -9.75
CA ASN A 17 -4.07 17.22 -8.45
C ASN A 17 -4.79 15.90 -8.14
N PRO A 18 -4.03 14.84 -7.84
CA PRO A 18 -2.57 14.84 -7.78
C PRO A 18 -1.90 14.83 -9.15
N ARG A 19 -0.58 15.08 -9.15
CA ARG A 19 0.23 15.09 -10.35
C ARG A 19 1.68 14.84 -9.96
N GLY A 20 2.51 14.46 -10.92
CA GLY A 20 3.92 14.26 -10.61
C GLY A 20 4.29 13.05 -9.78
N PHE A 21 5.47 13.14 -9.19
CA PHE A 21 6.07 12.09 -8.37
C PHE A 21 5.17 11.23 -7.52
N CYS A 22 5.33 9.91 -7.66
CA CYS A 22 4.60 8.94 -6.89
C CYS A 22 5.61 8.41 -5.87
N ALA A 23 5.15 7.57 -4.93
CA ALA A 23 6.04 7.02 -3.91
C ALA A 23 7.14 6.14 -4.46
N GLY A 24 6.83 5.34 -5.48
CA GLY A 24 7.81 4.45 -6.07
C GLY A 24 8.92 5.18 -6.80
N VAL A 25 8.55 6.22 -7.54
CA VAL A 25 9.54 7.00 -8.29
C VAL A 25 10.46 7.75 -7.32
N ASP A 26 9.88 8.38 -6.31
CA ASP A 26 10.71 9.13 -5.36
C ASP A 26 11.72 8.22 -4.66
N ARG A 27 11.27 7.01 -4.31
CA ARG A 27 12.13 6.06 -3.64
C ARG A 27 13.28 5.63 -4.55
N ALA A 28 12.93 5.25 -5.79
CA ALA A 28 13.91 4.79 -6.77
C ALA A 28 14.99 5.82 -7.07
N ILE A 29 14.58 7.07 -7.28
CA ILE A 29 15.56 8.11 -7.56
C ILE A 29 16.48 8.29 -6.35
N SER A 30 15.91 8.25 -5.15
CA SER A 30 16.71 8.41 -3.94
C SER A 30 17.71 7.27 -3.80
N ILE A 31 17.31 6.07 -4.23
CA ILE A 31 18.18 4.90 -4.16
C ILE A 31 19.46 5.14 -4.97
N VAL A 32 19.29 5.67 -6.18
CA VAL A 32 20.44 5.92 -7.03
C VAL A 32 21.27 7.08 -6.47
N GLU A 33 20.60 8.16 -6.08
CA GLU A 33 21.32 9.31 -5.52
C GLU A 33 22.14 8.92 -4.29
N ASN A 34 21.52 8.17 -3.39
CA ASN A 34 22.19 7.73 -2.17
C ASN A 34 23.37 6.80 -2.47
N ALA A 35 23.21 5.91 -3.44
CA ALA A 35 24.28 4.99 -3.80
C ALA A 35 25.47 5.75 -4.36
N LEU A 36 25.19 6.84 -5.09
CA LEU A 36 26.25 7.66 -5.66
C LEU A 36 27.01 8.40 -4.58
N ALA A 37 26.32 8.84 -3.54
CA ALA A 37 26.95 9.56 -2.45
C ALA A 37 27.75 8.61 -1.56
N ILE A 38 27.25 7.40 -1.39
CA ILE A 38 27.90 6.40 -0.54
C ILE A 38 29.10 5.71 -1.18
N TYR A 39 28.89 5.16 -2.38
CA TYR A 39 29.93 4.43 -3.09
C TYR A 39 30.63 5.23 -4.18
N GLY A 40 30.09 6.39 -4.53
CA GLY A 40 30.69 7.20 -5.57
C GLY A 40 30.45 6.62 -6.95
N ALA A 41 30.89 7.33 -7.98
CA ALA A 41 30.71 6.87 -9.35
C ALA A 41 31.78 5.84 -9.69
N PRO A 42 31.46 4.92 -10.60
CA PRO A 42 30.16 4.85 -11.26
C PRO A 42 29.18 3.90 -10.58
N ILE A 43 27.90 4.17 -10.75
CA ILE A 43 26.85 3.31 -10.20
C ILE A 43 26.07 2.82 -11.41
N TYR A 44 26.00 1.51 -11.59
CA TYR A 44 25.26 0.95 -12.72
C TYR A 44 23.80 0.80 -12.38
N VAL A 45 22.95 1.09 -13.36
CA VAL A 45 21.52 1.00 -13.18
C VAL A 45 20.95 0.27 -14.39
N ARG A 46 20.20 -0.80 -14.14
CA ARG A 46 19.62 -1.54 -15.24
C ARG A 46 18.35 -0.84 -15.71
N HIS A 47 18.44 -0.21 -16.88
CA HIS A 47 17.35 0.55 -17.50
C HIS A 47 17.21 1.90 -16.80
N GLU A 48 16.61 2.87 -17.48
CA GLU A 48 16.41 4.20 -16.89
C GLU A 48 15.73 3.94 -15.56
N VAL A 49 16.25 4.52 -14.48
CA VAL A 49 15.68 4.30 -13.16
C VAL A 49 14.17 4.59 -13.18
N VAL A 50 13.80 5.67 -13.83
CA VAL A 50 12.40 6.05 -14.02
C VAL A 50 12.39 6.60 -15.44
N HIS A 51 11.25 6.59 -16.11
CA HIS A 51 11.22 7.06 -17.49
C HIS A 51 11.10 8.57 -17.65
N ASN A 52 12.14 9.28 -17.24
CA ASN A 52 12.17 10.72 -17.38
C ASN A 52 13.55 11.19 -17.80
N ARG A 53 13.61 11.83 -18.96
CA ARG A 53 14.86 12.34 -19.54
C ARG A 53 15.63 13.26 -18.58
N TYR A 54 14.93 14.23 -17.99
CA TYR A 54 15.54 15.17 -17.07
C TYR A 54 16.25 14.46 -15.91
N VAL A 55 15.55 13.51 -15.29
CA VAL A 55 16.11 12.75 -14.17
C VAL A 55 17.29 11.89 -14.62
N VAL A 56 17.09 11.13 -15.69
CA VAL A 56 18.13 10.26 -16.23
C VAL A 56 19.38 11.06 -16.63
N ASP A 57 19.17 12.12 -17.38
CA ASP A 57 20.27 12.98 -17.83
C ASP A 57 21.07 13.48 -16.64
N SER A 58 20.37 13.91 -15.60
CA SER A 58 21.02 14.42 -14.39
C SER A 58 21.81 13.35 -13.65
N LEU A 59 21.26 12.15 -13.55
CA LEU A 59 21.95 11.07 -12.86
C LEU A 59 23.21 10.67 -13.62
N ARG A 60 23.18 10.76 -14.94
CA ARG A 60 24.36 10.43 -15.74
C ARG A 60 25.46 11.38 -15.29
N GLU A 61 25.05 12.61 -15.03
CA GLU A 61 25.93 13.67 -14.57
C GLU A 61 26.74 13.22 -13.35
N ARG A 62 26.02 12.89 -12.29
CA ARG A 62 26.63 12.45 -11.04
C ARG A 62 27.43 11.15 -11.14
N GLY A 63 27.31 10.46 -12.27
CA GLY A 63 28.07 9.22 -12.44
C GLY A 63 27.29 7.93 -12.58
N ALA A 64 25.99 8.01 -12.84
CA ALA A 64 25.19 6.81 -13.02
C ALA A 64 25.32 6.32 -14.47
N ILE A 65 25.48 5.02 -14.65
CA ILE A 65 25.60 4.44 -15.99
C ILE A 65 24.42 3.50 -16.22
N PHE A 66 23.58 3.85 -17.18
CA PHE A 66 22.40 3.04 -17.48
C PHE A 66 22.65 2.01 -18.58
N ILE A 67 22.35 0.75 -18.28
CA ILE A 67 22.52 -0.35 -19.21
C ILE A 67 21.25 -1.21 -19.30
N GLU A 68 21.16 -2.02 -20.33
CA GLU A 68 19.98 -2.87 -20.52
C GLU A 68 20.28 -4.32 -20.17
N GLN A 69 21.54 -4.73 -20.40
CA GLN A 69 21.95 -6.10 -20.09
C GLN A 69 23.04 -6.14 -19.03
N ILE A 70 22.99 -7.16 -18.19
CA ILE A 70 23.95 -7.34 -17.11
C ILE A 70 25.37 -7.53 -17.65
N SER A 71 25.48 -7.96 -18.90
CA SER A 71 26.77 -8.17 -19.54
C SER A 71 27.59 -6.88 -19.53
N GLU A 72 26.89 -5.77 -19.76
CA GLU A 72 27.51 -4.46 -19.81
C GLU A 72 28.13 -4.03 -18.48
N VAL A 73 27.76 -4.71 -17.39
CA VAL A 73 28.27 -4.36 -16.07
C VAL A 73 29.49 -5.20 -15.68
N PRO A 74 30.60 -4.52 -15.31
CA PRO A 74 31.85 -5.17 -14.90
C PRO A 74 31.71 -5.84 -13.54
N ASP A 75 32.54 -6.84 -13.27
CA ASP A 75 32.51 -7.52 -11.99
C ASP A 75 32.92 -6.56 -10.88
N GLY A 76 32.42 -6.81 -9.67
CA GLY A 76 32.75 -5.97 -8.54
C GLY A 76 32.03 -4.63 -8.52
N ALA A 77 31.15 -4.43 -9.49
CA ALA A 77 30.40 -3.18 -9.59
C ALA A 77 29.11 -3.21 -8.76
N ILE A 78 28.51 -2.04 -8.59
CA ILE A 78 27.27 -1.92 -7.85
C ILE A 78 26.18 -1.76 -8.92
N LEU A 79 25.12 -2.54 -8.81
CA LEU A 79 24.04 -2.50 -9.79
C LEU A 79 22.70 -2.22 -9.12
N ILE A 80 21.90 -1.35 -9.72
CA ILE A 80 20.57 -1.03 -9.19
C ILE A 80 19.53 -1.36 -10.25
N PHE A 81 18.49 -2.09 -9.86
CA PHE A 81 17.42 -2.44 -10.81
C PHE A 81 16.45 -1.26 -10.81
N SER A 82 15.96 -0.87 -11.99
CA SER A 82 15.04 0.27 -12.08
C SER A 82 13.70 0.00 -11.40
N ALA A 83 12.93 1.06 -11.19
CA ALA A 83 11.63 0.95 -10.53
C ALA A 83 10.63 0.07 -11.27
N HIS A 84 10.84 -0.14 -12.55
CA HIS A 84 9.95 -0.97 -13.37
C HIS A 84 10.03 -2.46 -13.07
N GLY A 85 11.14 -2.88 -12.47
CA GLY A 85 11.32 -4.28 -12.13
C GLY A 85 12.11 -5.06 -13.16
N VAL A 86 12.58 -6.25 -12.78
CA VAL A 86 13.35 -7.10 -13.68
C VAL A 86 12.88 -8.54 -13.55
N SER A 87 13.18 -9.34 -14.57
CA SER A 87 12.79 -10.74 -14.57
C SER A 87 13.67 -11.53 -13.61
N GLN A 88 13.25 -12.76 -13.32
CA GLN A 88 14.03 -13.61 -12.44
C GLN A 88 15.33 -13.97 -13.13
N ALA A 89 15.27 -14.10 -14.46
CA ALA A 89 16.44 -14.43 -15.26
C ALA A 89 17.50 -13.34 -15.11
N VAL A 90 17.06 -12.09 -15.20
CA VAL A 90 17.97 -10.96 -15.05
C VAL A 90 18.52 -10.94 -13.62
N ARG A 91 17.62 -11.07 -12.65
CA ARG A 91 18.01 -11.08 -11.25
C ARG A 91 19.03 -12.17 -10.96
N ASN A 92 18.79 -13.38 -11.47
CA ASN A 92 19.70 -14.49 -11.26
C ASN A 92 21.03 -14.27 -11.98
N GLU A 93 20.97 -13.69 -13.17
CA GLU A 93 22.19 -13.43 -13.93
C GLU A 93 23.04 -12.45 -13.14
N ALA A 94 22.37 -11.53 -12.45
CA ALA A 94 23.07 -10.54 -11.65
C ALA A 94 23.65 -11.17 -10.39
N LYS A 95 22.93 -12.15 -9.84
CA LYS A 95 23.39 -12.83 -8.63
C LYS A 95 24.52 -13.80 -8.94
N SER A 96 24.53 -14.34 -10.16
CA SER A 96 25.56 -15.28 -10.57
C SER A 96 26.88 -14.53 -10.73
N ARG A 97 26.78 -13.22 -10.92
CA ARG A 97 27.95 -12.37 -11.08
C ARG A 97 28.39 -11.82 -9.74
N ASP A 98 29.61 -11.29 -9.68
CA ASP A 98 30.15 -10.72 -8.45
C ASP A 98 29.73 -9.25 -8.37
N LEU A 99 28.43 -9.02 -8.34
CA LEU A 99 27.90 -7.66 -8.27
C LEU A 99 27.13 -7.37 -6.98
N THR A 100 27.27 -6.14 -6.49
CA THR A 100 26.56 -5.71 -5.30
C THR A 100 25.25 -5.14 -5.85
N VAL A 101 24.13 -5.76 -5.47
CA VAL A 101 22.83 -5.33 -5.98
C VAL A 101 21.89 -4.64 -5.02
N PHE A 102 21.23 -3.60 -5.54
CA PHE A 102 20.22 -2.86 -4.81
C PHE A 102 19.02 -2.88 -5.72
N ASP A 103 17.84 -3.11 -5.15
CA ASP A 103 16.63 -3.21 -5.96
C ASP A 103 15.71 -2.00 -5.78
N ALA A 104 15.55 -1.20 -6.83
CA ALA A 104 14.67 -0.03 -6.75
C ALA A 104 13.28 -0.32 -7.29
N THR A 105 12.98 -1.59 -7.58
CA THR A 105 11.66 -1.95 -8.09
C THR A 105 10.65 -1.40 -7.11
N CYS A 106 9.58 -0.81 -7.62
CA CYS A 106 8.56 -0.27 -6.74
C CYS A 106 7.84 -1.42 -6.04
N PRO A 107 7.52 -1.26 -4.75
CA PRO A 107 6.82 -2.31 -3.99
C PRO A 107 5.52 -2.77 -4.66
N LEU A 108 4.83 -1.84 -5.32
CA LEU A 108 3.57 -2.16 -5.99
C LEU A 108 3.75 -3.02 -7.23
N VAL A 109 4.97 -3.04 -7.76
CA VAL A 109 5.26 -3.89 -8.91
C VAL A 109 5.66 -5.26 -8.34
N THR A 110 6.46 -5.24 -7.29
CA THR A 110 6.90 -6.47 -6.62
C THR A 110 5.69 -7.31 -6.21
N LYS A 111 4.65 -6.64 -5.75
CA LYS A 111 3.44 -7.31 -5.31
C LYS A 111 2.88 -8.20 -6.41
N VAL A 112 2.87 -7.69 -7.64
CA VAL A 112 2.36 -8.45 -8.77
C VAL A 112 3.30 -9.61 -9.07
N HIS A 113 4.61 -9.33 -9.02
CA HIS A 113 5.63 -10.35 -9.27
C HIS A 113 5.40 -11.59 -8.42
N MET A 114 5.20 -11.37 -7.12
CA MET A 114 4.98 -12.47 -6.19
C MET A 114 3.81 -13.37 -6.57
N GLU A 115 2.76 -12.78 -7.13
CA GLU A 115 1.59 -13.57 -7.54
C GLU A 115 1.90 -14.41 -8.77
N VAL A 116 2.69 -13.86 -9.69
CA VAL A 116 3.06 -14.58 -10.90
C VAL A 116 3.94 -15.77 -10.54
N ALA A 117 4.89 -15.55 -9.64
CA ALA A 117 5.79 -16.62 -9.20
C ALA A 117 5.00 -17.76 -8.56
N ARG A 118 3.96 -17.40 -7.81
CA ARG A 118 3.13 -18.40 -7.14
C ARG A 118 2.43 -19.29 -8.17
N ALA A 119 1.84 -18.69 -9.19
CA ALA A 119 1.15 -19.43 -10.23
C ALA A 119 2.14 -20.31 -11.00
N SER A 120 3.36 -19.81 -11.15
CA SER A 120 4.40 -20.54 -11.87
C SER A 120 4.78 -21.78 -11.07
N ARG A 121 4.93 -21.62 -9.76
CA ARG A 121 5.30 -22.74 -8.88
C ARG A 121 4.22 -23.81 -8.85
N ARG A 122 2.98 -23.43 -9.14
CA ARG A 122 1.87 -24.37 -9.14
C ARG A 122 1.57 -24.93 -10.53
N GLY A 123 2.34 -24.49 -11.51
CA GLY A 123 2.14 -24.96 -12.87
C GLY A 123 0.79 -24.53 -13.43
N GLU A 124 0.23 -23.48 -12.85
CA GLU A 124 -1.06 -22.97 -13.29
C GLU A 124 -0.87 -21.71 -14.14
N GLU A 125 -1.61 -21.63 -15.23
CA GLU A 125 -1.53 -20.52 -16.17
C GLU A 125 -1.97 -19.17 -15.63
N SER A 126 -1.34 -18.12 -16.16
CA SER A 126 -1.65 -16.75 -15.78
C SER A 126 -1.67 -15.88 -17.03
N ILE A 127 -2.48 -14.82 -16.97
CA ILE A 127 -2.61 -13.89 -18.07
C ILE A 127 -2.27 -12.50 -17.56
N LEU A 128 -1.38 -11.81 -18.26
CA LEU A 128 -1.00 -10.46 -17.87
C LEU A 128 -1.59 -9.46 -18.85
N ILE A 129 -2.24 -8.42 -18.32
CA ILE A 129 -2.78 -7.38 -19.17
C ILE A 129 -1.71 -6.30 -19.21
N GLY A 130 -1.21 -5.98 -20.40
CA GLY A 130 -0.17 -4.97 -20.48
C GLY A 130 0.26 -4.67 -21.90
N HIS A 131 1.30 -3.84 -22.03
CA HIS A 131 1.82 -3.44 -23.33
C HIS A 131 3.14 -4.15 -23.66
N ALA A 132 3.14 -4.93 -24.73
CA ALA A 132 4.34 -5.65 -25.14
C ALA A 132 5.54 -4.72 -25.26
N GLY A 133 6.72 -5.22 -24.91
CA GLY A 133 7.94 -4.45 -25.02
C GLY A 133 8.28 -3.56 -23.84
N HIS A 134 7.31 -3.24 -23.01
CA HIS A 134 7.58 -2.39 -21.86
C HIS A 134 8.39 -3.15 -20.80
N PRO A 135 9.38 -2.48 -20.19
CA PRO A 135 10.19 -3.14 -19.17
C PRO A 135 9.43 -3.77 -18.01
N GLU A 136 8.33 -3.16 -17.56
CA GLU A 136 7.59 -3.75 -16.45
C GLU A 136 6.97 -5.06 -16.91
N VAL A 137 6.44 -5.07 -18.14
CA VAL A 137 5.83 -6.28 -18.69
C VAL A 137 6.88 -7.38 -18.83
N GLU A 138 8.06 -7.02 -19.30
CA GLU A 138 9.11 -8.02 -19.45
C GLU A 138 9.51 -8.59 -18.08
N GLY A 139 9.51 -7.75 -17.06
CA GLY A 139 9.87 -8.21 -15.73
C GLY A 139 8.81 -9.08 -15.09
N THR A 140 7.54 -8.71 -15.26
CA THR A 140 6.45 -9.48 -14.69
C THR A 140 6.29 -10.81 -15.42
N MET A 141 6.31 -10.78 -16.75
CA MET A 141 6.20 -12.00 -17.53
C MET A 141 7.39 -12.88 -17.14
N GLY A 142 8.51 -12.22 -16.87
CA GLY A 142 9.72 -12.91 -16.49
C GLY A 142 9.72 -13.56 -15.13
N GLN A 143 8.59 -13.55 -14.44
CA GLN A 143 8.50 -14.18 -13.12
C GLN A 143 7.92 -15.58 -13.29
N TYR A 144 7.51 -15.92 -14.51
CA TYR A 144 6.92 -17.22 -14.81
C TYR A 144 7.94 -18.10 -15.53
N SER A 145 8.12 -19.34 -15.05
CA SER A 145 9.10 -20.23 -15.68
C SER A 145 8.69 -21.70 -15.74
N ASN A 146 7.45 -22.01 -15.39
CA ASN A 146 6.99 -23.40 -15.42
C ASN A 146 6.37 -23.78 -16.77
N PRO A 147 7.05 -24.66 -17.53
CA PRO A 147 6.60 -25.13 -18.84
C PRO A 147 5.27 -25.87 -18.81
N GLU A 148 4.93 -26.44 -17.64
CA GLU A 148 3.68 -27.18 -17.48
C GLU A 148 2.50 -26.24 -17.66
N GLY A 149 2.60 -25.05 -17.07
CA GLY A 149 1.53 -24.07 -17.17
C GLY A 149 1.68 -23.12 -18.34
N GLY A 150 1.60 -21.82 -18.06
CA GLY A 150 1.73 -20.85 -19.12
C GLY A 150 1.58 -19.41 -18.64
N MET A 151 2.16 -18.50 -19.41
CA MET A 151 2.11 -17.07 -19.10
C MET A 151 1.78 -16.36 -20.40
N TYR A 152 0.61 -15.74 -20.47
CA TYR A 152 0.21 -15.06 -21.70
C TYR A 152 -0.05 -13.57 -21.55
N LEU A 153 0.31 -12.81 -22.57
CA LEU A 153 0.11 -11.37 -22.57
C LEU A 153 -1.04 -10.96 -23.48
N VAL A 154 -1.93 -10.12 -22.96
CA VAL A 154 -3.05 -9.61 -23.74
C VAL A 154 -3.04 -8.10 -23.57
N GLU A 155 -3.27 -7.38 -24.67
CA GLU A 155 -3.26 -5.92 -24.63
C GLU A 155 -4.62 -5.32 -24.92
N SER A 156 -5.59 -6.16 -25.28
CA SER A 156 -6.92 -5.67 -25.63
C SER A 156 -7.97 -6.78 -25.60
N PRO A 157 -9.25 -6.41 -25.71
CA PRO A 157 -10.30 -7.43 -25.70
C PRO A 157 -10.11 -8.39 -26.86
N ASP A 158 -9.70 -7.86 -28.01
CA ASP A 158 -9.48 -8.69 -29.19
C ASP A 158 -8.45 -9.78 -28.89
N ASP A 159 -7.40 -9.43 -28.14
CA ASP A 159 -6.38 -10.41 -27.79
C ASP A 159 -7.01 -11.51 -26.94
N VAL A 160 -7.94 -11.13 -26.07
CA VAL A 160 -8.61 -12.11 -25.22
C VAL A 160 -9.47 -13.04 -26.09
N TRP A 161 -10.19 -12.44 -27.03
CA TRP A 161 -11.07 -13.20 -27.91
C TRP A 161 -10.35 -14.29 -28.70
N LYS A 162 -9.05 -14.14 -28.91
CA LYS A 162 -8.30 -15.14 -29.67
C LYS A 162 -7.38 -16.04 -28.84
N LEU A 163 -7.35 -15.82 -27.54
CA LEU A 163 -6.48 -16.60 -26.66
C LEU A 163 -7.11 -17.94 -26.26
N THR A 164 -6.29 -18.98 -26.25
CA THR A 164 -6.72 -20.30 -25.83
C THR A 164 -5.69 -20.77 -24.80
N VAL A 165 -6.17 -21.38 -23.72
CA VAL A 165 -5.29 -21.86 -22.66
C VAL A 165 -5.43 -23.36 -22.47
N LYS A 166 -4.49 -23.96 -21.76
CA LYS A 166 -4.50 -25.40 -21.50
C LYS A 166 -5.59 -25.80 -20.51
N ASN A 167 -5.75 -25.04 -19.45
CA ASN A 167 -6.76 -25.35 -18.45
C ASN A 167 -7.38 -24.08 -17.87
N GLU A 168 -8.50 -23.66 -18.43
CA GLU A 168 -9.16 -22.45 -17.95
C GLU A 168 -9.83 -22.63 -16.60
N GLU A 169 -9.77 -23.83 -16.04
CA GLU A 169 -10.36 -24.08 -14.73
C GLU A 169 -9.40 -23.57 -13.65
N LYS A 170 -8.12 -23.45 -14.01
CA LYS A 170 -7.08 -22.97 -13.11
C LYS A 170 -6.36 -21.82 -13.81
N LEU A 171 -7.03 -20.68 -13.87
CA LEU A 171 -6.51 -19.50 -14.55
C LEU A 171 -6.56 -18.27 -13.64
N SER A 172 -5.57 -17.39 -13.78
CA SER A 172 -5.51 -16.17 -12.99
C SER A 172 -4.95 -15.03 -13.84
N PHE A 173 -5.26 -13.80 -13.46
CA PHE A 173 -4.75 -12.65 -14.21
C PHE A 173 -4.11 -11.60 -13.34
N MET A 174 -3.25 -10.80 -13.97
CA MET A 174 -2.54 -9.70 -13.29
C MET A 174 -2.49 -8.57 -14.30
N THR A 175 -2.11 -7.38 -13.87
CA THR A 175 -2.03 -6.27 -14.82
C THR A 175 -0.80 -5.41 -14.59
N GLN A 176 -0.49 -4.61 -15.62
CA GLN A 176 0.61 -3.67 -15.55
C GLN A 176 0.08 -2.61 -14.59
N THR A 177 0.99 -1.95 -13.87
CA THR A 177 0.60 -0.94 -12.89
C THR A 177 0.22 0.43 -13.44
N THR A 178 0.57 0.70 -14.69
CA THR A 178 0.32 2.01 -15.28
C THR A 178 -0.71 2.08 -16.41
N LEU A 179 -1.58 1.09 -16.52
CA LEU A 179 -2.57 1.05 -17.59
C LEU A 179 -3.72 2.03 -17.48
N SER A 180 -4.42 2.20 -18.60
CA SER A 180 -5.61 3.04 -18.66
C SER A 180 -6.64 2.31 -17.80
N VAL A 181 -7.20 3.00 -16.82
CA VAL A 181 -8.21 2.37 -15.96
C VAL A 181 -9.40 1.89 -16.78
N ASP A 182 -9.89 2.74 -17.68
CA ASP A 182 -11.03 2.39 -18.52
C ASP A 182 -10.78 1.24 -19.48
N ASP A 183 -9.63 1.27 -20.16
CA ASP A 183 -9.33 0.21 -21.11
C ASP A 183 -9.14 -1.14 -20.42
N THR A 184 -8.49 -1.13 -19.26
CA THR A 184 -8.24 -2.36 -18.53
C THR A 184 -9.57 -2.98 -18.12
N SER A 185 -10.54 -2.13 -17.79
CA SER A 185 -11.85 -2.61 -17.40
C SER A 185 -12.46 -3.44 -18.53
N ASP A 186 -12.33 -2.94 -19.76
CA ASP A 186 -12.84 -3.63 -20.94
C ASP A 186 -12.18 -4.99 -21.13
N VAL A 187 -10.87 -5.02 -20.91
CA VAL A 187 -10.12 -6.26 -21.07
C VAL A 187 -10.54 -7.29 -20.04
N ILE A 188 -10.71 -6.87 -18.79
CA ILE A 188 -11.12 -7.77 -17.74
C ILE A 188 -12.53 -8.31 -18.00
N ASP A 189 -13.42 -7.44 -18.50
CA ASP A 189 -14.78 -7.88 -18.80
C ASP A 189 -14.70 -9.02 -19.83
N ALA A 190 -13.82 -8.88 -20.81
CA ALA A 190 -13.66 -9.90 -21.84
C ALA A 190 -13.12 -11.19 -21.23
N LEU A 191 -12.12 -11.06 -20.37
CA LEU A 191 -11.52 -12.22 -19.71
C LEU A 191 -12.54 -13.03 -18.94
N ARG A 192 -13.41 -12.35 -18.20
CA ARG A 192 -14.43 -13.02 -17.41
C ARG A 192 -15.54 -13.66 -18.24
N LYS A 193 -15.78 -13.14 -19.44
CA LYS A 193 -16.81 -13.74 -20.29
C LYS A 193 -16.22 -14.94 -21.01
N ARG A 194 -14.93 -14.86 -21.32
CA ARG A 194 -14.20 -15.91 -22.01
C ARG A 194 -13.84 -17.04 -21.05
N PHE A 195 -13.34 -16.66 -19.88
CA PHE A 195 -12.93 -17.62 -18.86
C PHE A 195 -13.66 -17.32 -17.56
N PRO A 196 -14.91 -17.82 -17.43
CA PRO A 196 -15.72 -17.59 -16.23
C PRO A 196 -15.13 -17.98 -14.88
N LYS A 197 -14.14 -18.87 -14.87
CA LYS A 197 -13.52 -19.28 -13.61
C LYS A 197 -12.19 -18.59 -13.33
N ILE A 198 -11.87 -17.57 -14.14
CA ILE A 198 -10.61 -16.86 -13.98
C ILE A 198 -10.58 -16.14 -12.63
N VAL A 199 -9.41 -16.12 -11.99
CA VAL A 199 -9.24 -15.48 -10.70
C VAL A 199 -8.25 -14.31 -10.74
N GLY A 200 -8.55 -13.26 -9.99
CA GLY A 200 -7.66 -12.12 -9.95
C GLY A 200 -7.91 -11.26 -8.73
N PRO A 201 -7.33 -10.05 -8.68
CA PRO A 201 -7.55 -9.17 -7.54
C PRO A 201 -8.98 -8.67 -7.60
N ARG A 202 -9.41 -7.87 -6.64
CA ARG A 202 -10.79 -7.39 -6.66
C ARG A 202 -11.07 -6.59 -7.92
N LYS A 203 -10.06 -5.85 -8.41
CA LYS A 203 -10.22 -5.04 -9.60
C LYS A 203 -9.06 -5.30 -10.56
N ASP A 204 -7.90 -4.74 -10.23
CA ASP A 204 -6.72 -4.92 -11.08
C ASP A 204 -5.47 -4.56 -10.28
N ASP A 205 -4.33 -4.49 -10.96
CA ASP A 205 -3.07 -4.15 -10.31
C ASP A 205 -2.61 -2.74 -10.64
N ILE A 206 -3.51 -1.94 -11.20
CA ILE A 206 -3.18 -0.55 -11.52
C ILE A 206 -2.99 0.12 -10.17
N CYS A 207 -1.87 0.82 -9.98
CA CYS A 207 -1.59 1.44 -8.69
C CYS A 207 -2.38 2.70 -8.37
N TYR A 208 -2.35 3.08 -7.10
CA TYR A 208 -3.04 4.27 -6.63
C TYR A 208 -2.63 5.52 -7.42
N ALA A 209 -1.32 5.66 -7.69
CA ALA A 209 -0.81 6.82 -8.40
C ALA A 209 -1.39 6.96 -9.81
N THR A 210 -1.48 5.85 -10.53
CA THR A 210 -2.00 5.84 -11.89
C THR A 210 -3.48 6.17 -11.86
N THR A 211 -4.21 5.51 -10.95
CA THR A 211 -5.64 5.75 -10.82
C THR A 211 -5.91 7.21 -10.46
N ASN A 212 -5.16 7.73 -9.50
CA ASN A 212 -5.35 9.12 -9.06
C ASN A 212 -5.01 10.16 -10.13
N ARG A 213 -3.92 9.94 -10.86
CA ARG A 213 -3.54 10.90 -11.89
C ARG A 213 -4.51 10.89 -13.06
N GLN A 214 -5.08 9.73 -13.36
CA GLN A 214 -6.05 9.64 -14.44
C GLN A 214 -7.35 10.32 -14.03
N GLU A 215 -7.74 10.11 -12.77
CA GLU A 215 -8.95 10.73 -12.25
C GLU A 215 -8.77 12.25 -12.27
N ALA A 216 -7.58 12.69 -11.90
CA ALA A 216 -7.26 14.13 -11.85
C ALA A 216 -7.21 14.78 -13.23
N VAL A 217 -6.68 14.07 -14.22
CA VAL A 217 -6.59 14.65 -15.56
C VAL A 217 -7.99 14.69 -16.18
N ARG A 218 -8.86 13.78 -15.75
CA ARG A 218 -10.24 13.75 -16.25
C ARG A 218 -10.93 15.03 -15.78
N ALA A 219 -10.73 15.38 -14.51
CA ALA A 219 -11.33 16.58 -13.96
C ALA A 219 -10.72 17.83 -14.61
N LEU A 220 -9.42 17.77 -14.87
CA LEU A 220 -8.73 18.90 -15.51
C LEU A 220 -9.24 19.14 -16.92
N ALA A 221 -9.39 18.06 -17.68
CA ALA A 221 -9.85 18.14 -19.06
C ALA A 221 -11.28 18.65 -19.21
N GLU A 222 -12.13 18.47 -18.20
CA GLU A 222 -13.49 18.93 -18.32
C GLU A 222 -13.55 20.45 -18.16
N GLN A 223 -12.41 21.06 -17.86
CA GLN A 223 -12.32 22.51 -17.71
C GLN A 223 -11.40 23.15 -18.74
N ALA A 224 -10.28 22.50 -19.01
CA ALA A 224 -9.30 23.02 -19.96
C ALA A 224 -9.58 22.62 -21.40
N GLU A 225 -9.22 23.50 -22.32
CA GLU A 225 -9.40 23.27 -23.75
C GLU A 225 -8.17 22.50 -24.23
N VAL A 226 -7.04 22.81 -23.61
CA VAL A 226 -5.77 22.17 -23.95
C VAL A 226 -5.13 21.64 -22.68
N VAL A 227 -4.53 20.46 -22.77
CA VAL A 227 -3.86 19.85 -21.62
C VAL A 227 -2.42 19.53 -21.95
N LEU A 228 -1.50 19.95 -21.09
CA LEU A 228 -0.09 19.67 -21.28
C LEU A 228 0.31 18.66 -20.22
N VAL A 229 0.84 17.53 -20.66
CA VAL A 229 1.27 16.49 -19.73
C VAL A 229 2.78 16.45 -19.69
N VAL A 230 3.36 16.80 -18.56
CA VAL A 230 4.81 16.77 -18.45
C VAL A 230 5.24 15.32 -18.24
N GLY A 231 6.01 14.79 -19.19
CA GLY A 231 6.45 13.42 -19.08
C GLY A 231 7.20 13.04 -20.33
N SER A 232 8.08 12.05 -20.22
CA SER A 232 8.86 11.61 -21.37
C SER A 232 8.09 10.66 -22.28
N LYS A 233 8.54 10.56 -23.53
CA LYS A 233 7.90 9.72 -24.53
C LYS A 233 7.75 8.26 -24.15
N ASN A 234 8.73 7.73 -23.43
CA ASN A 234 8.72 6.33 -23.05
C ASN A 234 8.05 6.06 -21.70
N SER A 235 7.40 7.09 -21.15
CA SER A 235 6.70 6.92 -19.88
C SER A 235 5.28 6.44 -20.16
N SER A 236 5.02 5.20 -19.79
CA SER A 236 3.72 4.58 -20.02
C SER A 236 2.59 5.35 -19.34
N ASN A 237 2.72 5.56 -18.03
CA ASN A 237 1.67 6.26 -17.29
C ASN A 237 1.45 7.68 -17.80
N SER A 238 2.53 8.35 -18.24
CA SER A 238 2.41 9.70 -18.76
C SER A 238 1.58 9.72 -20.04
N ASN A 239 1.84 8.75 -20.92
CA ASN A 239 1.11 8.65 -22.19
C ASN A 239 -0.38 8.47 -21.93
N ARG A 240 -0.71 7.68 -20.91
CA ARG A 240 -2.11 7.43 -20.61
C ARG A 240 -2.85 8.71 -20.20
N LEU A 241 -2.12 9.66 -19.61
CA LEU A 241 -2.72 10.92 -19.18
C LEU A 241 -3.08 11.79 -20.40
N ALA A 242 -2.18 11.87 -21.36
CA ALA A 242 -2.43 12.66 -22.58
C ALA A 242 -3.55 11.98 -23.38
N GLU A 243 -3.47 10.66 -23.45
CA GLU A 243 -4.46 9.88 -24.18
C GLU A 243 -5.86 10.12 -23.63
N LEU A 244 -6.00 10.09 -22.30
CA LEU A 244 -7.30 10.29 -21.66
C LEU A 244 -7.90 11.66 -22.02
N ALA A 245 -7.09 12.70 -21.95
CA ALA A 245 -7.56 14.05 -22.27
C ALA A 245 -7.97 14.14 -23.74
N GLN A 246 -7.18 13.50 -24.60
CA GLN A 246 -7.46 13.50 -26.04
C GLN A 246 -8.78 12.82 -26.37
N ARG A 247 -9.05 11.72 -25.69
CA ARG A 247 -10.28 10.98 -25.90
C ARG A 247 -11.49 11.81 -25.47
N MET A 248 -11.24 12.76 -24.57
CA MET A 248 -12.30 13.63 -24.09
C MET A 248 -12.52 14.80 -25.06
N GLY A 249 -11.77 14.77 -26.16
CA GLY A 249 -11.91 15.81 -27.18
C GLY A 249 -11.05 17.04 -27.03
N LYS A 250 -10.11 17.02 -26.09
CA LYS A 250 -9.25 18.17 -25.89
C LYS A 250 -7.89 17.93 -26.53
N ARG A 251 -7.23 18.99 -26.96
CA ARG A 251 -5.90 18.84 -27.53
C ARG A 251 -5.00 18.59 -26.33
N ALA A 252 -4.20 17.53 -26.39
CA ALA A 252 -3.30 17.21 -25.30
C ALA A 252 -1.93 16.91 -25.85
N PHE A 253 -0.90 17.44 -25.19
CA PHE A 253 0.47 17.22 -25.63
C PHE A 253 1.36 16.69 -24.52
N LEU A 254 2.14 15.67 -24.84
CA LEU A 254 3.09 15.07 -23.91
C LEU A 254 4.40 15.81 -24.16
N ILE A 255 4.92 16.48 -23.14
CA ILE A 255 6.16 17.24 -23.31
C ILE A 255 7.18 17.02 -22.19
N ASP A 256 8.45 17.11 -22.53
CA ASP A 256 9.53 16.93 -21.56
C ASP A 256 9.83 18.19 -20.76
N ASP A 257 9.60 19.35 -21.37
CA ASP A 257 9.86 20.61 -20.70
C ASP A 257 9.23 21.79 -21.42
N ALA A 258 9.36 22.97 -20.83
CA ALA A 258 8.78 24.20 -21.39
C ALA A 258 9.16 24.49 -22.83
N LYS A 259 10.38 24.10 -23.22
CA LYS A 259 10.88 24.34 -24.57
C LYS A 259 10.07 23.66 -25.66
N ASP A 260 9.35 22.59 -25.31
CA ASP A 260 8.55 21.87 -26.29
C ASP A 260 7.21 22.53 -26.60
N ILE A 261 6.84 23.53 -25.80
CA ILE A 261 5.57 24.23 -26.02
C ILE A 261 5.58 25.08 -27.29
N GLN A 262 4.64 24.80 -28.19
CA GLN A 262 4.52 25.56 -29.43
C GLN A 262 3.37 26.55 -29.25
N GLU A 263 3.65 27.84 -29.47
CA GLU A 263 2.65 28.90 -29.31
C GLU A 263 1.25 28.56 -29.83
N GLU A 264 1.19 28.01 -31.03
CA GLU A 264 -0.09 27.67 -31.65
C GLU A 264 -0.99 26.82 -30.77
N TRP A 265 -0.39 25.99 -29.92
CA TRP A 265 -1.17 25.12 -29.05
C TRP A 265 -2.04 25.88 -28.06
N VAL A 266 -1.57 27.03 -27.59
CA VAL A 266 -2.33 27.80 -26.61
C VAL A 266 -2.78 29.18 -27.05
N LYS A 267 -2.58 29.52 -28.32
CA LYS A 267 -2.99 30.82 -28.82
C LYS A 267 -4.50 30.97 -28.72
N GLU A 268 -4.95 32.09 -28.16
CA GLU A 268 -6.38 32.36 -28.02
C GLU A 268 -7.11 31.33 -27.16
N VAL A 269 -6.37 30.55 -26.39
CA VAL A 269 -6.96 29.55 -25.51
C VAL A 269 -7.28 30.19 -24.16
N LYS A 270 -8.53 30.09 -23.74
CA LYS A 270 -8.96 30.69 -22.49
C LYS A 270 -8.60 29.87 -21.25
N CYS A 271 -8.46 28.56 -21.41
CA CYS A 271 -8.13 27.72 -20.27
C CYS A 271 -7.21 26.57 -20.65
N VAL A 272 -5.98 26.62 -20.11
CA VAL A 272 -5.00 25.56 -20.38
C VAL A 272 -4.73 24.80 -19.08
N GLY A 273 -4.69 23.48 -19.18
CA GLY A 273 -4.43 22.67 -18.00
C GLY A 273 -3.07 22.02 -18.05
N VAL A 274 -2.46 21.82 -16.87
CA VAL A 274 -1.14 21.20 -16.81
C VAL A 274 -1.13 20.09 -15.77
N THR A 275 -0.51 18.98 -16.12
CA THR A 275 -0.35 17.88 -15.19
C THR A 275 1.00 17.25 -15.47
N ALA A 276 1.35 16.23 -14.71
CA ALA A 276 2.63 15.57 -14.90
C ALA A 276 2.53 14.10 -14.55
N GLY A 277 3.27 13.29 -15.30
CA GLY A 277 3.30 11.86 -15.05
C GLY A 277 4.01 11.56 -13.74
N ALA A 278 3.89 10.32 -13.29
CA ALA A 278 4.49 9.89 -12.03
C ALA A 278 6.01 9.99 -11.96
N SER A 279 6.67 10.10 -13.12
CA SER A 279 8.14 10.18 -13.14
C SER A 279 8.71 11.58 -13.40
N ALA A 280 7.83 12.58 -13.52
CA ALA A 280 8.29 13.95 -13.79
C ALA A 280 8.46 14.85 -12.57
N PRO A 281 9.66 15.42 -12.38
CA PRO A 281 9.95 16.32 -11.24
C PRO A 281 9.13 17.60 -11.29
N ASP A 282 8.75 18.10 -10.12
CA ASP A 282 7.95 19.31 -10.02
C ASP A 282 8.57 20.55 -10.69
N ILE A 283 9.90 20.64 -10.68
CA ILE A 283 10.55 21.79 -11.30
C ILE A 283 10.17 21.93 -12.78
N LEU A 284 9.97 20.80 -13.46
CA LEU A 284 9.58 20.84 -14.87
C LEU A 284 8.22 21.51 -15.00
N VAL A 285 7.32 21.18 -14.08
CA VAL A 285 5.98 21.76 -14.10
C VAL A 285 6.09 23.27 -13.84
N GLN A 286 6.91 23.65 -12.87
CA GLN A 286 7.09 25.07 -12.57
C GLN A 286 7.57 25.82 -13.81
N ASN A 287 8.50 25.21 -14.55
CA ASN A 287 9.03 25.84 -15.76
C ASN A 287 7.98 25.94 -16.86
N VAL A 288 7.11 24.95 -16.93
CA VAL A 288 6.05 24.95 -17.93
C VAL A 288 5.07 26.08 -17.62
N VAL A 289 4.74 26.23 -16.34
CA VAL A 289 3.82 27.29 -15.93
C VAL A 289 4.43 28.65 -16.25
N ALA A 290 5.74 28.78 -16.05
CA ALA A 290 6.41 30.05 -16.32
C ALA A 290 6.30 30.40 -17.80
N ARG A 291 6.46 29.41 -18.67
CA ARG A 291 6.38 29.62 -20.11
C ARG A 291 4.95 30.00 -20.51
N LEU A 292 3.97 29.32 -19.93
CA LEU A 292 2.58 29.63 -20.24
C LEU A 292 2.23 31.05 -19.81
N GLN A 293 2.87 31.50 -18.73
CA GLN A 293 2.62 32.85 -18.24
C GLN A 293 3.20 33.89 -19.18
N GLN A 294 4.38 33.64 -19.71
CA GLN A 294 4.95 34.60 -20.64
C GLN A 294 4.14 34.55 -21.94
N LEU A 295 3.31 33.52 -22.08
CA LEU A 295 2.45 33.36 -23.24
C LEU A 295 1.05 33.91 -22.96
N GLY A 296 0.91 34.67 -21.89
CA GLY A 296 -0.38 35.27 -21.56
C GLY A 296 -1.13 34.69 -20.38
N GLY A 297 -0.65 33.58 -19.84
CA GLY A 297 -1.33 32.97 -18.71
C GLY A 297 -1.14 33.71 -17.40
N GLY A 298 -2.10 33.54 -16.49
CA GLY A 298 -2.02 34.20 -15.19
C GLY A 298 -1.53 33.25 -14.11
N GLU A 299 -1.91 33.50 -12.87
CA GLU A 299 -1.48 32.66 -11.76
C GLU A 299 -2.02 31.23 -11.89
N ALA A 300 -1.15 30.26 -11.63
CA ALA A 300 -1.54 28.86 -11.72
C ALA A 300 -2.49 28.51 -10.59
N ILE A 301 -3.61 27.90 -10.94
CA ILE A 301 -4.62 27.51 -9.96
C ILE A 301 -4.71 26.00 -9.80
N PRO A 302 -4.37 25.49 -8.60
CA PRO A 302 -4.42 24.06 -8.32
C PRO A 302 -5.86 23.58 -8.12
N LEU A 303 -6.25 22.53 -8.83
CA LEU A 303 -7.59 21.99 -8.69
C LEU A 303 -7.62 21.16 -7.41
N GLU A 304 -8.79 21.03 -6.80
CA GLU A 304 -8.92 20.25 -5.58
C GLU A 304 -8.74 18.78 -5.95
N GLY A 305 -8.10 18.01 -5.07
CA GLY A 305 -7.90 16.61 -5.39
C GLY A 305 -7.59 15.67 -4.25
N ARG A 306 -7.60 14.38 -4.58
CA ARG A 306 -7.32 13.30 -3.65
C ARG A 306 -5.97 13.49 -2.99
N GLU A 307 -5.94 13.53 -1.66
CA GLU A 307 -4.68 13.69 -0.94
C GLU A 307 -3.96 12.36 -0.88
N GLU A 308 -2.72 12.30 -1.37
CA GLU A 308 -1.94 11.07 -1.33
C GLU A 308 -1.01 11.13 -0.12
N ASN A 309 -0.89 10.02 0.61
CA ASN A 309 -0.03 10.00 1.77
C ASN A 309 0.94 8.83 1.87
N ILE A 310 1.02 8.00 0.84
CA ILE A 310 1.93 6.86 0.92
C ILE A 310 3.37 7.23 0.55
N VAL A 311 4.31 6.63 1.28
CA VAL A 311 5.73 6.86 1.09
C VAL A 311 6.46 5.52 1.23
N PHE A 312 7.46 5.29 0.39
CA PHE A 312 8.24 4.06 0.45
C PHE A 312 9.66 4.48 0.78
N GLU A 313 10.20 3.97 1.89
CA GLU A 313 11.55 4.33 2.30
C GLU A 313 12.63 3.55 1.56
N VAL A 314 13.81 4.14 1.43
CA VAL A 314 14.92 3.46 0.77
C VAL A 314 15.40 2.41 1.74
N PRO A 315 16.05 1.35 1.24
CA PRO A 315 16.53 0.33 2.18
C PRO A 315 17.55 0.93 3.14
N LYS A 316 17.54 0.47 4.39
CA LYS A 316 18.46 0.97 5.39
C LYS A 316 19.91 0.97 4.93
N GLU A 317 20.25 0.02 4.07
CA GLU A 317 21.61 -0.11 3.55
C GLU A 317 22.04 1.08 2.71
N LEU A 318 21.10 1.93 2.34
CA LEU A 318 21.40 3.10 1.51
C LEU A 318 20.92 4.40 2.12
N ARG A 319 20.61 4.38 3.42
CA ARG A 319 20.13 5.59 4.07
C ARG A 319 21.24 6.26 4.87
N MET B 11 21.13 -15.48 30.49
CA MET B 11 19.87 -15.60 29.70
C MET B 11 19.96 -14.76 28.43
N GLN B 12 19.73 -15.40 27.29
CA GLN B 12 19.78 -14.70 26.02
C GLN B 12 18.45 -14.03 25.71
N ILE B 13 18.52 -12.78 25.29
CA ILE B 13 17.31 -12.01 24.95
C ILE B 13 17.28 -11.81 23.44
N LEU B 14 16.21 -12.27 22.81
CA LEU B 14 16.06 -12.13 21.38
C LEU B 14 14.91 -11.18 21.07
N LEU B 15 15.08 -10.36 20.05
CA LEU B 15 14.05 -9.40 19.64
C LEU B 15 13.51 -9.76 18.27
N ALA B 16 12.19 -9.86 18.16
CA ALA B 16 11.55 -10.20 16.89
C ALA B 16 11.65 -9.04 15.91
N ASN B 17 11.75 -9.36 14.62
CA ASN B 17 11.84 -8.34 13.59
C ASN B 17 11.07 -8.78 12.36
N PRO B 18 10.08 -7.99 11.93
CA PRO B 18 9.69 -6.72 12.56
C PRO B 18 8.84 -6.87 13.83
N ARG B 19 8.67 -5.76 14.52
CA ARG B 19 7.90 -5.69 15.76
C ARG B 19 7.48 -4.24 15.97
N GLY B 20 6.51 -4.02 16.86
CA GLY B 20 6.10 -2.66 17.14
C GLY B 20 5.36 -1.90 16.05
N PHE B 21 5.43 -0.58 16.16
CA PHE B 21 4.76 0.35 15.26
C PHE B 21 4.67 0.00 13.78
N CYS B 22 3.46 0.12 13.25
CA CYS B 22 3.20 -0.11 11.84
C CYS B 22 2.97 1.29 11.28
N ALA B 23 2.80 1.39 9.96
CA ALA B 23 2.60 2.67 9.31
C ALA B 23 1.32 3.38 9.72
N GLY B 24 0.24 2.61 9.89
CA GLY B 24 -1.03 3.18 10.28
C GLY B 24 -1.03 3.75 11.68
N VAL B 25 -0.42 3.01 12.61
CA VAL B 25 -0.35 3.47 14.00
C VAL B 25 0.54 4.70 14.14
N ASP B 26 1.68 4.71 13.47
CA ASP B 26 2.58 5.85 13.56
C ASP B 26 1.84 7.10 13.09
N ARG B 27 1.09 6.96 11.99
CA ARG B 27 0.33 8.08 11.45
C ARG B 27 -0.74 8.57 12.42
N ALA B 28 -1.55 7.63 12.92
CA ALA B 28 -2.63 7.98 13.85
C ALA B 28 -2.15 8.72 15.09
N ILE B 29 -1.09 8.22 15.72
CA ILE B 29 -0.57 8.87 16.91
C ILE B 29 -0.07 10.28 16.57
N SER B 30 0.65 10.40 15.46
CA SER B 30 1.15 11.70 15.05
C SER B 30 0.04 12.69 14.75
N ILE B 31 -1.09 12.19 14.26
CA ILE B 31 -2.23 13.06 13.95
C ILE B 31 -2.69 13.72 15.24
N VAL B 32 -2.83 12.93 16.31
CA VAL B 32 -3.27 13.48 17.58
C VAL B 32 -2.19 14.40 18.19
N GLU B 33 -0.95 13.94 18.23
CA GLU B 33 0.15 14.74 18.80
C GLU B 33 0.29 16.09 18.12
N ASN B 34 0.21 16.10 16.78
CA ASN B 34 0.35 17.33 16.03
C ASN B 34 -0.86 18.24 16.19
N ALA B 35 -2.06 17.65 16.26
CA ALA B 35 -3.27 18.44 16.45
C ALA B 35 -3.13 19.21 17.77
N LEU B 36 -2.63 18.51 18.80
CA LEU B 36 -2.44 19.12 20.11
C LEU B 36 -1.35 20.18 20.05
N ALA B 37 -0.27 19.87 19.35
CA ALA B 37 0.85 20.80 19.22
C ALA B 37 0.47 22.06 18.45
N ILE B 38 -0.32 21.89 17.39
CA ILE B 38 -0.73 22.99 16.54
C ILE B 38 -1.94 23.79 17.05
N TYR B 39 -2.95 23.09 17.55
CA TYR B 39 -4.15 23.75 18.03
C TYR B 39 -4.28 23.80 19.56
N GLY B 40 -3.43 23.05 20.26
CA GLY B 40 -3.49 23.05 21.70
C GLY B 40 -4.62 22.18 22.24
N ALA B 41 -4.63 21.99 23.56
CA ALA B 41 -5.65 21.18 24.20
C ALA B 41 -6.92 22.01 24.40
N PRO B 42 -8.08 21.36 24.38
CA PRO B 42 -8.23 19.93 24.18
C PRO B 42 -8.51 19.52 22.74
N ILE B 43 -8.15 18.27 22.43
CA ILE B 43 -8.40 17.70 21.12
C ILE B 43 -9.23 16.46 21.45
N TYR B 44 -10.40 16.33 20.84
CA TYR B 44 -11.26 15.19 21.11
C TYR B 44 -10.97 14.02 20.19
N VAL B 45 -11.00 12.81 20.75
CA VAL B 45 -10.72 11.61 19.99
C VAL B 45 -11.80 10.58 20.26
N ARG B 46 -12.38 10.03 19.19
CA ARG B 46 -13.42 9.03 19.33
C ARG B 46 -12.81 7.66 19.55
N HIS B 47 -12.92 7.15 20.77
CA HIS B 47 -12.37 5.85 21.14
C HIS B 47 -10.85 5.93 21.14
N GLU B 48 -10.19 4.97 21.79
CA GLU B 48 -8.72 4.96 21.84
C GLU B 48 -8.18 5.04 20.42
N VAL B 49 -7.28 6.01 20.18
CA VAL B 49 -6.71 6.21 18.85
C VAL B 49 -6.06 4.91 18.36
N VAL B 50 -5.39 4.21 19.26
CA VAL B 50 -4.79 2.92 18.99
C VAL B 50 -5.02 2.15 20.28
N HIS B 51 -4.99 0.82 20.23
CA HIS B 51 -5.25 0.03 21.43
C HIS B 51 -4.02 -0.23 22.28
N ASN B 52 -3.50 0.84 22.86
CA ASN B 52 -2.34 0.74 23.74
C ASN B 52 -2.53 1.70 24.91
N ARG B 53 -2.58 1.15 26.11
CA ARG B 53 -2.80 1.99 27.29
C ARG B 53 -1.72 3.05 27.51
N TYR B 54 -0.47 2.72 27.20
CA TYR B 54 0.63 3.68 27.37
C TYR B 54 0.41 4.90 26.46
N VAL B 55 0.08 4.65 25.19
CA VAL B 55 -0.15 5.72 24.25
C VAL B 55 -1.36 6.55 24.65
N VAL B 56 -2.46 5.86 24.97
CA VAL B 56 -3.70 6.55 25.36
C VAL B 56 -3.49 7.39 26.63
N ASP B 57 -2.79 6.83 27.62
CA ASP B 57 -2.52 7.55 28.85
C ASP B 57 -1.65 8.78 28.60
N SER B 58 -0.69 8.63 27.69
CA SER B 58 0.21 9.73 27.36
C SER B 58 -0.53 10.87 26.67
N LEU B 59 -1.41 10.53 25.73
CA LEU B 59 -2.15 11.55 25.01
C LEU B 59 -3.14 12.25 25.93
N ARG B 60 -3.74 11.50 26.84
CA ARG B 60 -4.68 12.08 27.80
C ARG B 60 -3.95 13.07 28.69
N GLU B 61 -2.73 12.71 29.08
CA GLU B 61 -1.91 13.56 29.94
C GLU B 61 -1.51 14.85 29.23
N ARG B 62 -1.56 14.84 27.92
CA ARG B 62 -1.21 16.03 27.15
C ARG B 62 -2.43 16.83 26.70
N GLY B 63 -3.61 16.44 27.17
CA GLY B 63 -4.81 17.18 26.82
C GLY B 63 -5.83 16.52 25.92
N ALA B 64 -5.51 15.34 25.40
CA ALA B 64 -6.46 14.63 24.54
C ALA B 64 -7.62 14.12 25.39
N ILE B 65 -8.83 14.25 24.86
CA ILE B 65 -10.02 13.79 25.56
C ILE B 65 -10.68 12.70 24.73
N PHE B 66 -10.72 11.49 25.26
CA PHE B 66 -11.31 10.38 24.56
C PHE B 66 -12.78 10.27 24.91
N ILE B 67 -13.62 10.30 23.88
CA ILE B 67 -15.06 10.21 24.07
C ILE B 67 -15.64 8.95 23.43
N GLU B 68 -16.89 8.66 23.76
CA GLU B 68 -17.58 7.48 23.26
C GLU B 68 -18.42 7.81 22.04
N GLN B 69 -19.17 8.91 22.13
CA GLN B 69 -20.04 9.35 21.06
C GLN B 69 -19.75 10.79 20.64
N ILE B 70 -19.96 11.07 19.37
CA ILE B 70 -19.72 12.40 18.81
C ILE B 70 -20.54 13.45 19.55
N SER B 71 -21.73 13.06 19.99
CA SER B 71 -22.63 13.97 20.70
C SER B 71 -21.98 14.56 21.96
N GLU B 72 -20.90 13.93 22.42
CA GLU B 72 -20.19 14.41 23.61
C GLU B 72 -19.27 15.58 23.27
N VAL B 73 -18.94 15.72 22.00
CA VAL B 73 -18.04 16.77 21.54
C VAL B 73 -18.72 18.11 21.31
N PRO B 74 -18.15 19.20 21.86
CA PRO B 74 -18.68 20.56 21.72
C PRO B 74 -18.49 21.12 20.32
N ASP B 75 -19.39 22.01 19.91
CA ASP B 75 -19.29 22.64 18.61
C ASP B 75 -18.00 23.46 18.55
N GLY B 76 -17.38 23.51 17.37
CA GLY B 76 -16.17 24.27 17.21
C GLY B 76 -14.91 23.53 17.60
N ALA B 77 -15.06 22.30 18.07
CA ALA B 77 -13.92 21.51 18.50
C ALA B 77 -13.27 20.73 17.35
N ILE B 78 -12.14 20.10 17.66
CA ILE B 78 -11.41 19.28 16.71
C ILE B 78 -11.62 17.84 17.16
N LEU B 79 -12.06 16.98 16.23
CA LEU B 79 -12.31 15.59 16.55
C LEU B 79 -11.47 14.66 15.68
N ILE B 80 -10.95 13.59 16.28
CA ILE B 80 -10.14 12.61 15.56
C ILE B 80 -10.81 11.23 15.61
N PHE B 81 -10.90 10.56 14.46
CA PHE B 81 -11.46 9.21 14.40
C PHE B 81 -10.28 8.28 14.64
N SER B 82 -10.48 7.18 15.37
CA SER B 82 -9.37 6.26 15.67
C SER B 82 -8.90 5.53 14.41
N ALA B 83 -7.71 4.95 14.49
CA ALA B 83 -7.11 4.25 13.35
C ALA B 83 -7.90 3.03 12.90
N HIS B 84 -8.78 2.53 13.77
CA HIS B 84 -9.58 1.35 13.46
C HIS B 84 -10.72 1.61 12.49
N GLY B 85 -11.07 2.88 12.30
CA GLY B 85 -12.13 3.24 11.38
C GLY B 85 -13.48 3.45 12.02
N VAL B 86 -14.40 4.07 11.28
CA VAL B 86 -15.74 4.32 11.79
C VAL B 86 -16.77 4.04 10.71
N SER B 87 -18.01 3.81 11.11
CA SER B 87 -19.08 3.53 10.18
C SER B 87 -19.42 4.77 9.37
N GLN B 88 -20.26 4.59 8.35
CA GLN B 88 -20.67 5.72 7.53
C GLN B 88 -21.59 6.62 8.34
N ALA B 89 -22.35 6.02 9.25
CA ALA B 89 -23.25 6.79 10.10
C ALA B 89 -22.46 7.73 10.99
N VAL B 90 -21.34 7.24 11.51
CA VAL B 90 -20.50 8.07 12.37
C VAL B 90 -19.87 9.19 11.56
N ARG B 91 -19.34 8.85 10.39
CA ARG B 91 -18.70 9.84 9.53
C ARG B 91 -19.67 10.95 9.13
N ASN B 92 -20.86 10.56 8.67
CA ASN B 92 -21.86 11.52 8.25
C ASN B 92 -22.35 12.42 9.37
N GLU B 93 -22.47 11.85 10.56
CA GLU B 93 -22.92 12.63 11.70
C GLU B 93 -21.90 13.73 11.98
N ALA B 94 -20.63 13.35 12.02
CA ALA B 94 -19.55 14.31 12.27
C ALA B 94 -19.51 15.39 11.20
N LYS B 95 -19.81 15.01 9.96
CA LYS B 95 -19.81 15.96 8.85
C LYS B 95 -20.89 17.02 9.00
N SER B 96 -22.07 16.60 9.48
CA SER B 96 -23.18 17.52 9.66
C SER B 96 -22.97 18.44 10.87
N ARG B 97 -22.02 18.08 11.72
CA ARG B 97 -21.72 18.86 12.92
C ARG B 97 -20.73 19.99 12.64
N ASP B 98 -20.74 21.00 13.51
CA ASP B 98 -19.83 22.12 13.41
C ASP B 98 -18.54 21.67 14.07
N LEU B 99 -17.80 20.79 13.39
CA LEU B 99 -16.55 20.26 13.93
C LEU B 99 -15.47 20.16 12.88
N THR B 100 -14.23 20.22 13.32
CA THR B 100 -13.09 20.05 12.42
C THR B 100 -12.72 18.60 12.66
N VAL B 101 -12.82 17.78 11.61
CA VAL B 101 -12.53 16.37 11.75
C VAL B 101 -11.28 15.92 11.04
N PHE B 102 -10.50 15.09 11.72
CA PHE B 102 -9.29 14.51 11.16
C PHE B 102 -9.49 13.02 11.28
N ASP B 103 -9.38 12.32 10.16
CA ASP B 103 -9.59 10.88 10.13
C ASP B 103 -8.27 10.12 10.21
N ALA B 104 -7.99 9.53 11.37
CA ALA B 104 -6.76 8.76 11.53
C ALA B 104 -6.93 7.30 11.10
N THR B 105 -8.06 6.98 10.47
CA THR B 105 -8.29 5.61 10.02
C THR B 105 -7.12 5.20 9.14
N CYS B 106 -6.57 4.02 9.38
CA CYS B 106 -5.47 3.56 8.55
C CYS B 106 -5.93 3.35 7.10
N PRO B 107 -5.11 3.75 6.12
CA PRO B 107 -5.48 3.58 4.71
C PRO B 107 -5.81 2.13 4.36
N LEU B 108 -5.18 1.19 5.06
CA LEU B 108 -5.40 -0.24 4.79
C LEU B 108 -6.76 -0.73 5.28
N VAL B 109 -7.37 0.05 6.18
CA VAL B 109 -8.69 -0.27 6.68
C VAL B 109 -9.68 0.40 5.72
N THR B 110 -9.35 1.63 5.35
CA THR B 110 -10.18 2.40 4.41
C THR B 110 -10.35 1.63 3.10
N LYS B 111 -9.30 0.92 2.68
CA LYS B 111 -9.36 0.14 1.45
C LYS B 111 -10.47 -0.91 1.51
N VAL B 112 -10.62 -1.56 2.66
CA VAL B 112 -11.65 -2.57 2.85
C VAL B 112 -13.04 -1.90 2.87
N HIS B 113 -13.12 -0.75 3.54
CA HIS B 113 -14.36 0.01 3.64
C HIS B 113 -14.94 0.27 2.25
N MET B 114 -14.10 0.76 1.35
CA MET B 114 -14.53 1.08 0.00
C MET B 114 -15.14 -0.11 -0.74
N GLU B 115 -14.58 -1.30 -0.53
CA GLU B 115 -15.11 -2.49 -1.18
C GLU B 115 -16.49 -2.85 -0.64
N VAL B 116 -16.66 -2.68 0.67
CA VAL B 116 -17.94 -2.98 1.30
C VAL B 116 -19.01 -2.01 0.80
N ALA B 117 -18.65 -0.73 0.70
CA ALA B 117 -19.58 0.28 0.23
C ALA B 117 -19.98 -0.01 -1.21
N ARG B 118 -19.03 -0.55 -1.98
CA ARG B 118 -19.29 -0.89 -3.38
C ARG B 118 -20.35 -1.98 -3.45
N ALA B 119 -20.18 -3.03 -2.64
CA ALA B 119 -21.11 -4.14 -2.61
C ALA B 119 -22.50 -3.67 -2.19
N SER B 120 -22.54 -2.78 -1.20
CA SER B 120 -23.80 -2.25 -0.71
C SER B 120 -24.49 -1.46 -1.82
N ARG B 121 -23.68 -0.79 -2.63
CA ARG B 121 -24.16 0.01 -3.73
C ARG B 121 -24.84 -0.86 -4.79
N ARG B 122 -24.27 -2.04 -5.03
CA ARG B 122 -24.82 -2.97 -6.01
C ARG B 122 -25.92 -3.86 -5.43
N GLY B 123 -26.16 -3.72 -4.14
CA GLY B 123 -27.19 -4.52 -3.49
C GLY B 123 -26.79 -5.97 -3.40
N GLU B 124 -25.50 -6.23 -3.45
CA GLU B 124 -24.97 -7.59 -3.36
C GLU B 124 -24.42 -7.86 -1.97
N GLU B 125 -24.74 -9.04 -1.44
CA GLU B 125 -24.30 -9.42 -0.10
C GLU B 125 -22.80 -9.61 0.05
N SER B 126 -22.31 -9.30 1.25
CA SER B 126 -20.89 -9.43 1.57
C SER B 126 -20.72 -10.11 2.92
N ILE B 127 -19.62 -10.82 3.07
CA ILE B 127 -19.31 -11.53 4.31
C ILE B 127 -17.97 -11.01 4.84
N LEU B 128 -17.96 -10.59 6.10
CA LEU B 128 -16.76 -10.09 6.73
C LEU B 128 -16.24 -11.15 7.69
N ILE B 129 -14.95 -11.44 7.62
CA ILE B 129 -14.35 -12.40 8.53
C ILE B 129 -13.72 -11.52 9.60
N GLY B 130 -14.20 -11.64 10.84
CA GLY B 130 -13.68 -10.82 11.92
C GLY B 130 -14.25 -11.19 13.27
N HIS B 131 -13.85 -10.46 14.29
CA HIS B 131 -14.32 -10.73 15.66
C HIS B 131 -15.39 -9.74 16.11
N ALA B 132 -16.58 -10.25 16.42
CA ALA B 132 -17.68 -9.40 16.85
C ALA B 132 -17.28 -8.46 17.99
N GLY B 133 -17.78 -7.24 17.95
CA GLY B 133 -17.48 -6.28 18.99
C GLY B 133 -16.26 -5.41 18.76
N HIS B 134 -15.32 -5.87 17.94
CA HIS B 134 -14.14 -5.06 17.70
C HIS B 134 -14.49 -3.81 16.90
N PRO B 135 -13.92 -2.66 17.27
CA PRO B 135 -14.20 -1.40 16.57
C PRO B 135 -13.98 -1.43 15.06
N GLU B 136 -12.99 -2.18 14.59
CA GLU B 136 -12.77 -2.23 13.15
C GLU B 136 -13.92 -2.96 12.49
N VAL B 137 -14.43 -4.00 13.14
CA VAL B 137 -15.56 -4.76 12.58
C VAL B 137 -16.79 -3.86 12.56
N GLU B 138 -17.01 -3.10 13.63
CA GLU B 138 -18.14 -2.21 13.70
C GLU B 138 -18.10 -1.23 12.52
N GLY B 139 -16.91 -0.67 12.28
CA GLY B 139 -16.74 0.29 11.21
C GLY B 139 -16.90 -0.30 9.82
N THR B 140 -16.30 -1.45 9.58
CA THR B 140 -16.40 -2.10 8.27
C THR B 140 -17.83 -2.56 7.99
N MET B 141 -18.45 -3.22 8.96
CA MET B 141 -19.83 -3.67 8.77
C MET B 141 -20.67 -2.42 8.52
N GLY B 142 -20.26 -1.31 9.15
CA GLY B 142 -20.97 -0.05 9.04
C GLY B 142 -20.88 0.66 7.70
N GLN B 143 -20.22 0.05 6.74
CA GLN B 143 -20.10 0.63 5.40
C GLN B 143 -21.19 0.08 4.50
N TYR B 144 -21.94 -0.90 5.00
CA TYR B 144 -23.00 -1.55 4.25
C TYR B 144 -24.37 -1.06 4.73
N SER B 145 -25.22 -0.63 3.80
CA SER B 145 -26.54 -0.14 4.20
C SER B 145 -27.66 -0.41 3.19
N ASN B 146 -27.49 -1.40 2.32
CA ASN B 146 -28.52 -1.71 1.34
C ASN B 146 -29.35 -2.92 1.77
N PRO B 147 -30.63 -2.67 2.13
CA PRO B 147 -31.58 -3.70 2.57
C PRO B 147 -31.76 -4.86 1.58
N GLU B 148 -31.73 -4.56 0.29
CA GLU B 148 -31.89 -5.59 -0.72
C GLU B 148 -30.73 -6.58 -0.68
N GLY B 149 -29.59 -6.12 -0.18
CA GLY B 149 -28.43 -6.98 -0.08
C GLY B 149 -28.30 -7.56 1.31
N GLY B 150 -27.09 -7.55 1.85
CA GLY B 150 -26.87 -8.08 3.19
C GLY B 150 -25.41 -8.05 3.59
N MET B 151 -25.15 -7.93 4.88
CA MET B 151 -23.79 -7.89 5.42
C MET B 151 -23.71 -8.87 6.58
N TYR B 152 -22.92 -9.93 6.42
CA TYR B 152 -22.80 -10.94 7.47
C TYR B 152 -21.41 -11.08 8.05
N LEU B 153 -21.36 -11.43 9.34
CA LEU B 153 -20.08 -11.60 10.04
C LEU B 153 -19.85 -13.07 10.40
N VAL B 154 -18.66 -13.57 10.08
CA VAL B 154 -18.30 -14.94 10.43
C VAL B 154 -16.94 -14.90 11.12
N GLU B 155 -16.77 -15.74 12.14
CA GLU B 155 -15.53 -15.78 12.90
C GLU B 155 -14.80 -17.11 12.78
N SER B 156 -15.45 -18.10 12.17
CA SER B 156 -14.84 -19.41 12.05
C SER B 156 -15.53 -20.27 10.99
N PRO B 157 -14.95 -21.45 10.70
CA PRO B 157 -15.55 -22.34 9.71
C PRO B 157 -16.96 -22.71 10.14
N ASP B 158 -17.13 -22.98 11.43
CA ASP B 158 -18.45 -23.33 11.96
C ASP B 158 -19.47 -22.26 11.61
N ASP B 159 -19.08 -20.99 11.72
CA ASP B 159 -20.00 -19.90 11.38
C ASP B 159 -20.35 -19.94 9.90
N VAL B 160 -19.37 -20.28 9.06
CA VAL B 160 -19.60 -20.37 7.62
C VAL B 160 -20.57 -21.52 7.34
N TRP B 161 -20.30 -22.67 7.97
CA TRP B 161 -21.11 -23.86 7.81
C TRP B 161 -22.59 -23.64 8.11
N LYS B 162 -22.90 -22.68 8.99
CA LYS B 162 -24.28 -22.41 9.37
C LYS B 162 -24.85 -21.12 8.78
N LEU B 163 -24.07 -20.44 7.93
CA LEU B 163 -24.52 -19.19 7.32
C LEU B 163 -25.49 -19.41 6.18
N THR B 164 -26.56 -18.62 6.16
CA THR B 164 -27.58 -18.67 5.11
C THR B 164 -27.53 -17.36 4.35
N VAL B 165 -27.53 -17.44 3.02
CA VAL B 165 -27.48 -16.24 2.18
C VAL B 165 -28.64 -16.21 1.18
N LYS B 166 -29.04 -14.99 0.78
CA LYS B 166 -30.13 -14.82 -0.18
C LYS B 166 -29.74 -15.22 -1.60
N ASN B 167 -28.60 -14.73 -2.06
CA ASN B 167 -28.13 -15.04 -3.40
C ASN B 167 -26.63 -15.29 -3.42
N GLU B 168 -26.25 -16.55 -3.23
CA GLU B 168 -24.84 -16.91 -3.22
C GLU B 168 -24.17 -16.80 -4.59
N GLU B 169 -24.95 -16.37 -5.58
CA GLU B 169 -24.43 -16.21 -6.93
C GLU B 169 -23.69 -14.88 -7.01
N LYS B 170 -24.08 -13.95 -6.14
CA LYS B 170 -23.47 -12.62 -6.08
C LYS B 170 -23.01 -12.40 -4.64
N LEU B 171 -21.88 -13.01 -4.30
CA LEU B 171 -21.31 -12.91 -2.96
C LEU B 171 -19.84 -12.50 -2.99
N SER B 172 -19.44 -11.72 -2.01
CA SER B 172 -18.05 -11.28 -1.89
C SER B 172 -17.67 -11.32 -0.41
N PHE B 173 -16.38 -11.41 -0.13
CA PHE B 173 -15.96 -11.42 1.27
C PHE B 173 -14.81 -10.46 1.51
N MET B 174 -14.66 -10.05 2.77
CA MET B 174 -13.63 -9.14 3.20
C MET B 174 -13.14 -9.66 4.55
N THR B 175 -12.05 -9.09 5.06
CA THR B 175 -11.55 -9.54 6.36
C THR B 175 -11.05 -8.40 7.21
N GLN B 176 -10.97 -8.67 8.51
CA GLN B 176 -10.44 -7.73 9.48
C GLN B 176 -8.95 -7.70 9.16
N THR B 177 -8.29 -6.58 9.42
CA THR B 177 -6.87 -6.43 9.10
C THR B 177 -5.87 -7.05 10.05
N THR B 178 -6.30 -7.45 11.24
CA THR B 178 -5.40 -7.97 12.26
C THR B 178 -5.60 -9.43 12.66
N LEU B 179 -6.24 -10.22 11.79
CA LEU B 179 -6.50 -11.62 12.12
C LEU B 179 -5.31 -12.56 12.03
N SER B 180 -5.49 -13.74 12.61
CA SER B 180 -4.50 -14.80 12.56
C SER B 180 -4.45 -15.21 11.09
N VAL B 181 -3.26 -15.22 10.50
CA VAL B 181 -3.14 -15.61 9.11
C VAL B 181 -3.63 -17.03 8.91
N ASP B 182 -3.15 -17.95 9.75
CA ASP B 182 -3.54 -19.35 9.66
C ASP B 182 -5.03 -19.62 9.84
N ASP B 183 -5.63 -19.04 10.88
CA ASP B 183 -7.07 -19.25 11.12
C ASP B 183 -7.92 -18.70 9.99
N THR B 184 -7.57 -17.52 9.49
CA THR B 184 -8.33 -16.90 8.41
C THR B 184 -8.30 -17.79 7.17
N SER B 185 -7.17 -18.45 6.95
CA SER B 185 -7.04 -19.35 5.80
C SER B 185 -8.11 -20.43 5.89
N ASP B 186 -8.32 -20.94 7.10
CA ASP B 186 -9.32 -21.98 7.33
C ASP B 186 -10.72 -21.49 6.99
N VAL B 187 -11.03 -20.26 7.40
CA VAL B 187 -12.34 -19.68 7.15
C VAL B 187 -12.57 -19.49 5.66
N ILE B 188 -11.55 -18.98 4.97
CA ILE B 188 -11.66 -18.76 3.53
C ILE B 188 -11.92 -20.09 2.82
N ASP B 189 -11.18 -21.12 3.22
CA ASP B 189 -11.34 -22.44 2.63
C ASP B 189 -12.78 -22.91 2.77
N ALA B 190 -13.36 -22.69 3.95
CA ALA B 190 -14.74 -23.07 4.21
C ALA B 190 -15.71 -22.26 3.36
N LEU B 191 -15.43 -20.97 3.21
CA LEU B 191 -16.27 -20.08 2.40
C LEU B 191 -16.31 -20.50 0.94
N ARG B 192 -15.15 -20.85 0.38
CA ARG B 192 -15.11 -21.25 -1.02
C ARG B 192 -15.75 -22.61 -1.27
N LYS B 193 -15.72 -23.50 -0.27
CA LYS B 193 -16.34 -24.81 -0.45
C LYS B 193 -17.86 -24.67 -0.37
N ARG B 194 -18.33 -23.79 0.50
CA ARG B 194 -19.75 -23.55 0.70
C ARG B 194 -20.35 -22.65 -0.39
N PHE B 195 -19.59 -21.63 -0.78
CA PHE B 195 -20.04 -20.68 -1.80
C PHE B 195 -18.99 -20.63 -2.90
N PRO B 196 -19.02 -21.60 -3.82
CA PRO B 196 -18.05 -21.66 -4.92
C PRO B 196 -17.90 -20.45 -5.83
N LYS B 197 -18.89 -19.56 -5.86
CA LYS B 197 -18.78 -18.38 -6.72
C LYS B 197 -18.47 -17.11 -5.94
N ILE B 198 -18.13 -17.26 -4.67
CA ILE B 198 -17.81 -16.10 -3.84
C ILE B 198 -16.57 -15.41 -4.38
N VAL B 199 -16.57 -14.07 -4.33
CA VAL B 199 -15.45 -13.29 -4.83
C VAL B 199 -14.74 -12.50 -3.73
N GLY B 200 -13.43 -12.39 -3.84
CA GLY B 200 -12.68 -11.65 -2.83
C GLY B 200 -11.34 -11.23 -3.37
N PRO B 201 -10.43 -10.76 -2.49
CA PRO B 201 -9.10 -10.34 -2.93
C PRO B 201 -8.29 -11.59 -3.24
N ARG B 202 -7.05 -11.44 -3.67
CA ARG B 202 -6.25 -12.63 -4.00
C ARG B 202 -6.10 -13.56 -2.80
N LYS B 203 -6.00 -12.99 -1.60
CA LYS B 203 -5.88 -13.81 -0.41
C LYS B 203 -6.86 -13.34 0.65
N ASP B 204 -6.55 -12.23 1.30
CA ASP B 204 -7.42 -11.67 2.34
C ASP B 204 -7.08 -10.20 2.54
N ASP B 205 -7.64 -9.58 3.57
CA ASP B 205 -7.36 -8.17 3.83
C ASP B 205 -6.42 -7.96 5.02
N ILE B 206 -5.78 -9.05 5.47
CA ILE B 206 -4.85 -8.96 6.58
C ILE B 206 -3.67 -8.12 6.06
N CYS B 207 -3.34 -7.06 6.79
CA CYS B 207 -2.28 -6.16 6.34
C CYS B 207 -0.86 -6.70 6.46
N TYR B 208 0.06 -6.03 5.74
CA TYR B 208 1.46 -6.42 5.74
C TYR B 208 2.03 -6.49 7.16
N ALA B 209 1.67 -5.52 8.00
CA ALA B 209 2.18 -5.48 9.37
C ALA B 209 1.78 -6.68 10.21
N THR B 210 0.52 -7.09 10.09
CA THR B 210 0.03 -8.24 10.83
C THR B 210 0.72 -9.50 10.32
N THR B 211 0.73 -9.68 9.00
CA THR B 211 1.39 -10.84 8.43
C THR B 211 2.85 -10.91 8.84
N ASN B 212 3.57 -9.79 8.72
CA ASN B 212 4.99 -9.75 9.07
C ASN B 212 5.27 -10.02 10.55
N ARG B 213 4.46 -9.45 11.44
CA ARG B 213 4.68 -9.64 12.87
C ARG B 213 4.39 -11.07 13.31
N GLN B 214 3.40 -11.70 12.68
CA GLN B 214 3.11 -13.08 12.99
C GLN B 214 4.24 -13.96 12.44
N GLU B 215 4.74 -13.61 11.26
CA GLU B 215 5.85 -14.37 10.68
C GLU B 215 7.08 -14.25 11.60
N ALA B 216 7.34 -13.02 12.06
CA ALA B 216 8.47 -12.76 12.94
C ALA B 216 8.36 -13.47 14.29
N VAL B 217 7.16 -13.51 14.88
CA VAL B 217 7.02 -14.17 16.16
C VAL B 217 7.16 -15.68 15.99
N ARG B 218 6.81 -16.18 14.80
CA ARG B 218 6.93 -17.60 14.51
C ARG B 218 8.42 -17.97 14.57
N ALA B 219 9.26 -17.14 13.96
CA ALA B 219 10.70 -17.40 13.95
C ALA B 219 11.27 -17.21 15.36
N LEU B 220 10.67 -16.30 16.12
CA LEU B 220 11.12 -16.02 17.48
C LEU B 220 10.80 -17.20 18.40
N ALA B 221 9.56 -17.68 18.33
CA ALA B 221 9.11 -18.79 19.15
C ALA B 221 9.90 -20.09 18.93
N GLU B 222 10.51 -20.21 17.74
CA GLU B 222 11.29 -21.40 17.44
C GLU B 222 12.54 -21.46 18.30
N GLN B 223 13.06 -20.30 18.67
CA GLN B 223 14.28 -20.21 19.47
C GLN B 223 14.05 -19.95 20.96
N ALA B 224 13.08 -19.10 21.26
CA ALA B 224 12.80 -18.74 22.65
C ALA B 224 11.91 -19.73 23.38
N GLU B 225 12.13 -19.85 24.69
CA GLU B 225 11.35 -20.74 25.55
C GLU B 225 10.12 -19.94 26.00
N VAL B 226 10.36 -18.67 26.30
CA VAL B 226 9.31 -17.75 26.75
C VAL B 226 9.24 -16.59 25.76
N VAL B 227 8.03 -16.17 25.45
CA VAL B 227 7.84 -15.05 24.53
C VAL B 227 7.00 -13.97 25.20
N LEU B 228 7.54 -12.76 25.24
CA LEU B 228 6.83 -11.63 25.83
C LEU B 228 6.32 -10.77 24.69
N VAL B 229 5.03 -10.48 24.68
CA VAL B 229 4.45 -9.64 23.63
C VAL B 229 3.96 -8.36 24.27
N VAL B 230 4.60 -7.25 23.94
CA VAL B 230 4.19 -5.96 24.50
C VAL B 230 2.94 -5.50 23.77
N GLY B 231 1.85 -5.37 24.52
CA GLY B 231 0.60 -4.93 23.94
C GLY B 231 -0.51 -4.93 24.97
N SER B 232 -1.59 -4.21 24.68
CA SER B 232 -2.70 -4.13 25.62
C SER B 232 -3.72 -5.25 25.37
N LYS B 233 -4.53 -5.56 26.39
CA LYS B 233 -5.52 -6.62 26.29
C LYS B 233 -6.54 -6.44 25.17
N ASN B 234 -6.83 -5.19 24.83
CA ASN B 234 -7.82 -4.91 23.79
C ASN B 234 -7.22 -4.73 22.41
N SER B 235 -5.95 -5.12 22.25
CA SER B 235 -5.30 -5.04 20.95
C SER B 235 -5.42 -6.39 20.24
N SER B 236 -6.20 -6.41 19.17
CA SER B 236 -6.43 -7.61 18.40
C SER B 236 -5.14 -8.21 17.87
N ASN B 237 -4.35 -7.42 17.14
CA ASN B 237 -3.12 -7.93 16.57
C ASN B 237 -2.12 -8.39 17.62
N SER B 238 -2.11 -7.73 18.79
CA SER B 238 -1.20 -8.10 19.85
C SER B 238 -1.60 -9.47 20.42
N ASN B 239 -2.90 -9.69 20.57
CA ASN B 239 -3.35 -10.96 21.10
C ASN B 239 -2.98 -12.09 20.14
N ARG B 240 -3.05 -11.81 18.84
CA ARG B 240 -2.71 -12.84 17.85
C ARG B 240 -1.24 -13.23 17.95
N LEU B 241 -0.38 -12.27 18.26
CA LEU B 241 1.05 -12.55 18.40
C LEU B 241 1.29 -13.49 19.58
N ALA B 242 0.62 -13.23 20.69
CA ALA B 242 0.76 -14.04 21.89
C ALA B 242 0.20 -15.44 21.68
N GLU B 243 -0.95 -15.51 21.00
CA GLU B 243 -1.60 -16.79 20.73
C GLU B 243 -0.77 -17.67 19.80
N LEU B 244 -0.16 -17.07 18.78
CA LEU B 244 0.65 -17.83 17.85
C LEU B 244 1.80 -18.50 18.59
N ALA B 245 2.45 -17.76 19.48
CA ALA B 245 3.56 -18.28 20.24
C ALA B 245 3.12 -19.43 21.15
N GLN B 246 1.98 -19.22 21.82
CA GLN B 246 1.45 -20.23 22.73
C GLN B 246 1.11 -21.50 21.97
N ARG B 247 0.47 -21.36 20.81
CA ARG B 247 0.09 -22.51 20.01
C ARG B 247 1.30 -23.27 19.50
N MET B 248 2.47 -22.62 19.50
CA MET B 248 3.69 -23.28 19.04
C MET B 248 4.32 -24.04 20.21
N GLY B 249 3.66 -23.98 21.36
CA GLY B 249 4.15 -24.70 22.53
C GLY B 249 5.03 -23.93 23.49
N LYS B 250 5.19 -22.63 23.26
CA LYS B 250 6.01 -21.81 24.15
C LYS B 250 5.15 -21.04 25.13
N ARG B 251 5.73 -20.68 26.27
CA ARG B 251 4.99 -19.91 27.26
C ARG B 251 5.01 -18.46 26.79
N ALA B 252 3.83 -17.90 26.55
CA ALA B 252 3.74 -16.53 26.07
C ALA B 252 2.92 -15.65 26.98
N PHE B 253 3.33 -14.39 27.13
CA PHE B 253 2.63 -13.44 27.97
C PHE B 253 2.39 -12.13 27.26
N LEU B 254 1.16 -11.63 27.34
CA LEU B 254 0.80 -10.36 26.75
C LEU B 254 0.96 -9.37 27.90
N ILE B 255 1.87 -8.41 27.75
CA ILE B 255 2.11 -7.44 28.81
C ILE B 255 2.07 -6.01 28.31
N ASP B 256 1.66 -5.10 29.17
CA ASP B 256 1.59 -3.67 28.83
C ASP B 256 2.93 -2.97 28.99
N ASP B 257 3.70 -3.39 29.99
CA ASP B 257 5.03 -2.82 30.23
C ASP B 257 5.89 -3.72 31.11
N ALA B 258 7.15 -3.31 31.28
CA ALA B 258 8.11 -4.07 32.06
C ALA B 258 7.65 -4.41 33.48
N LYS B 259 6.85 -3.52 34.08
CA LYS B 259 6.36 -3.74 35.44
C LYS B 259 5.50 -5.00 35.57
N ASP B 260 4.93 -5.47 34.47
CA ASP B 260 4.08 -6.66 34.48
C ASP B 260 4.87 -7.96 34.56
N ILE B 261 6.17 -7.90 34.28
CA ILE B 261 7.01 -9.09 34.29
C ILE B 261 7.22 -9.68 35.69
N GLN B 262 6.94 -10.98 35.83
CA GLN B 262 7.10 -11.67 37.10
C GLN B 262 8.36 -12.54 37.03
N GLU B 263 9.21 -12.44 38.05
CA GLU B 263 10.45 -13.20 38.10
C GLU B 263 10.23 -14.67 37.75
N GLU B 264 9.15 -15.23 38.28
CA GLU B 264 8.78 -16.63 38.05
C GLU B 264 8.77 -17.00 36.58
N TRP B 265 8.30 -16.06 35.74
CA TRP B 265 8.20 -16.28 34.30
C TRP B 265 9.51 -16.64 33.61
N VAL B 266 10.60 -15.98 33.98
CA VAL B 266 11.89 -16.21 33.34
C VAL B 266 12.96 -16.89 34.19
N LYS B 267 12.57 -17.36 35.37
CA LYS B 267 13.53 -18.04 36.24
C LYS B 267 14.08 -19.28 35.54
N GLU B 268 15.40 -19.38 35.47
CA GLU B 268 16.07 -20.52 34.84
C GLU B 268 15.90 -20.57 33.32
N VAL B 269 15.14 -19.63 32.77
CA VAL B 269 14.93 -19.58 31.33
C VAL B 269 16.25 -19.24 30.64
N LYS B 270 16.61 -20.02 29.62
CA LYS B 270 17.86 -19.80 28.91
C LYS B 270 17.72 -18.85 27.73
N CYS B 271 16.52 -18.78 27.15
CA CYS B 271 16.29 -17.90 26.01
C CYS B 271 14.89 -17.30 26.07
N VAL B 272 14.83 -15.98 26.20
CA VAL B 272 13.54 -15.28 26.25
C VAL B 272 13.42 -14.37 25.02
N GLY B 273 12.26 -14.43 24.38
CA GLY B 273 12.03 -13.60 23.22
C GLY B 273 11.07 -12.47 23.52
N VAL B 274 11.27 -11.34 22.86
CA VAL B 274 10.41 -10.18 23.06
C VAL B 274 9.98 -9.59 21.73
N THR B 275 8.70 -9.22 21.64
CA THR B 275 8.17 -8.59 20.45
C THR B 275 7.13 -7.61 20.93
N ALA B 276 6.51 -6.90 19.99
CA ALA B 276 5.50 -5.91 20.34
C ALA B 276 4.45 -5.80 19.25
N GLY B 277 3.21 -5.58 19.67
CA GLY B 277 2.10 -5.44 18.73
C GLY B 277 2.27 -4.13 17.99
N ALA B 278 1.50 -3.97 16.91
CA ALA B 278 1.57 -2.78 16.08
C ALA B 278 1.31 -1.44 16.77
N SER B 279 0.65 -1.47 17.92
CA SER B 279 0.34 -0.24 18.64
C SER B 279 1.25 0.05 19.84
N ALA B 280 2.24 -0.80 20.08
CA ALA B 280 3.14 -0.60 21.22
C ALA B 280 4.43 0.15 20.88
N PRO B 281 4.66 1.29 21.54
CA PRO B 281 5.85 2.12 21.33
C PRO B 281 7.15 1.39 21.65
N ASP B 282 8.20 1.68 20.89
CA ASP B 282 9.49 1.02 21.09
C ASP B 282 10.07 1.23 22.50
N ILE B 283 9.78 2.36 23.12
CA ILE B 283 10.32 2.60 24.45
C ILE B 283 9.86 1.55 25.45
N LEU B 284 8.66 1.01 25.25
CA LEU B 284 8.15 -0.03 26.14
C LEU B 284 9.01 -1.28 26.02
N VAL B 285 9.44 -1.56 24.79
CA VAL B 285 10.29 -2.72 24.54
C VAL B 285 11.65 -2.49 25.20
N GLN B 286 12.19 -1.30 25.03
CA GLN B 286 13.48 -0.96 25.64
C GLN B 286 13.43 -1.18 27.14
N ASN B 287 12.33 -0.79 27.78
CA ASN B 287 12.17 -0.96 29.22
C ASN B 287 12.06 -2.45 29.59
N VAL B 288 11.36 -3.22 28.76
CA VAL B 288 11.22 -4.65 29.00
C VAL B 288 12.60 -5.30 28.96
N VAL B 289 13.41 -4.90 27.97
CA VAL B 289 14.76 -5.42 27.86
C VAL B 289 15.56 -5.10 29.11
N ALA B 290 15.47 -3.85 29.57
CA ALA B 290 16.19 -3.42 30.76
C ALA B 290 15.80 -4.25 31.98
N ARG B 291 14.50 -4.53 32.10
CA ARG B 291 13.99 -5.33 33.21
C ARG B 291 14.53 -6.76 33.15
N LEU B 292 14.53 -7.35 31.95
CA LEU B 292 15.02 -8.72 31.78
C LEU B 292 16.51 -8.82 32.10
N GLN B 293 17.25 -7.77 31.77
CA GLN B 293 18.69 -7.76 32.02
C GLN B 293 19.00 -7.76 33.52
N GLN B 294 18.25 -6.99 34.28
CA GLN B 294 18.48 -6.98 35.73
C GLN B 294 17.97 -8.30 36.30
N LEU B 295 17.34 -9.09 35.44
CA LEU B 295 16.82 -10.39 35.82
C LEU B 295 17.74 -11.48 35.26
N GLY B 296 18.95 -11.09 34.88
CA GLY B 296 19.91 -12.05 34.37
C GLY B 296 20.16 -12.03 32.88
N GLY B 297 19.36 -11.26 32.14
CA GLY B 297 19.53 -11.20 30.70
C GLY B 297 20.75 -10.41 30.25
N GLY B 298 21.24 -10.71 29.05
CA GLY B 298 22.40 -10.01 28.53
C GLY B 298 21.99 -8.95 27.51
N GLU B 299 22.82 -8.74 26.51
CA GLU B 299 22.53 -7.76 25.47
C GLU B 299 21.47 -8.32 24.54
N ALA B 300 20.46 -7.52 24.24
CA ALA B 300 19.38 -7.97 23.36
C ALA B 300 19.88 -8.19 21.93
N ILE B 301 19.54 -9.34 21.36
CA ILE B 301 19.96 -9.66 20.00
C ILE B 301 18.79 -9.62 19.02
N PRO B 302 18.80 -8.64 18.10
CA PRO B 302 17.74 -8.49 17.10
C PRO B 302 17.86 -9.57 16.02
N LEU B 303 16.76 -10.29 15.77
CA LEU B 303 16.77 -11.33 14.75
C LEU B 303 16.64 -10.73 13.36
N GLU B 304 17.15 -11.44 12.36
CA GLU B 304 17.06 -10.96 10.98
C GLU B 304 15.60 -11.02 10.55
N GLY B 305 15.13 -9.99 9.85
CA GLY B 305 13.74 -9.99 9.43
C GLY B 305 13.43 -9.19 8.18
N ARG B 306 12.25 -9.45 7.62
CA ARG B 306 11.81 -8.74 6.42
C ARG B 306 11.77 -7.25 6.70
N GLU B 307 12.39 -6.46 5.83
CA GLU B 307 12.42 -5.03 6.01
C GLU B 307 11.10 -4.40 5.56
N GLU B 308 10.54 -3.52 6.38
CA GLU B 308 9.31 -2.85 6.04
C GLU B 308 9.68 -1.45 5.60
N ASN B 309 9.08 -0.96 4.52
CA ASN B 309 9.40 0.38 4.04
C ASN B 309 8.18 1.28 3.83
N ILE B 310 7.00 0.82 4.24
CA ILE B 310 5.79 1.63 4.04
C ILE B 310 5.58 2.69 5.12
N VAL B 311 5.22 3.89 4.67
CA VAL B 311 4.96 5.01 5.55
C VAL B 311 3.71 5.74 5.06
N PHE B 312 2.87 6.17 6.01
CA PHE B 312 1.66 6.93 5.70
C PHE B 312 1.82 8.30 6.37
N GLU B 313 1.89 9.35 5.56
CA GLU B 313 2.05 10.71 6.08
C GLU B 313 0.78 11.27 6.69
N VAL B 314 0.93 12.17 7.65
CA VAL B 314 -0.22 12.80 8.29
C VAL B 314 -0.74 13.82 7.27
N PRO B 315 -1.98 14.27 7.42
CA PRO B 315 -2.48 15.26 6.46
C PRO B 315 -1.59 16.50 6.47
N LYS B 316 -1.44 17.12 5.31
CA LYS B 316 -0.62 18.32 5.15
C LYS B 316 -0.90 19.37 6.22
N GLU B 317 -2.17 19.54 6.56
CA GLU B 317 -2.59 20.51 7.56
C GLU B 317 -1.94 20.30 8.93
N LEU B 318 -1.63 19.04 9.24
CA LEU B 318 -1.03 18.71 10.53
C LEU B 318 0.49 18.52 10.50
N ARG B 319 1.11 18.93 9.41
CA ARG B 319 2.55 18.81 9.29
C ARG B 319 3.22 19.67 10.35
N VAL B 320 4.23 19.13 11.01
CA VAL B 320 4.95 19.86 12.05
C VAL B 320 6.46 19.69 11.89
FE1 SF4 C . 4.95 2.37 -7.92
FE2 SF4 C . 4.82 4.79 -9.08
FE3 SF4 C . 2.65 3.18 -9.15
FE4 SF4 C . 4.84 2.53 -10.73
S1 SF4 C . 3.53 4.47 -10.86
S2 SF4 C . 3.65 1.13 -9.21
S3 SF4 C . 6.52 3.42 -9.27
S4 SF4 C . 3.68 4.16 -7.34
O1 EIP D . 6.06 2.20 -16.53
O2 EIP D . 6.55 4.00 -18.11
O3 EIP D . 4.84 4.54 -16.34
P4 EIP D . 6.18 3.77 -16.67
O5 EIP D . 7.45 4.15 -15.76
O6 EIP D . 9.11 5.76 -14.73
O7 EIP D . 7.51 6.76 -16.49
P8 EIP D . 7.78 5.68 -15.37
O9 EIP D . 6.75 6.00 -14.15
C10 EIP D . 6.71 5.25 -12.92
C11 EIP D . 6.14 3.85 -13.15
C12 EIP D . 6.73 2.63 -12.96
C13 EIP D . 5.96 1.36 -13.26
C14 EIP D . 8.14 2.39 -12.46
O15 EIP D . 5.30 0.94 -12.03
FE1 SF4 E . -2.87 -0.19 9.20
FE2 SF4 E . -1.36 -0.97 11.30
FE3 SF4 E . -2.19 -2.84 9.51
FE4 SF4 E . -4.04 -1.73 11.26
S1 SF4 E . -2.13 -2.97 11.83
S2 SF4 E . -4.20 -1.94 8.91
S3 SF4 E . -3.03 0.43 11.42
S4 SF4 E . -0.76 -1.05 9.20
O1 EIP F . -7.45 -3.70 15.79
O2 EIP F . -6.80 -4.14 18.09
O3 EIP F . -5.08 -4.71 16.38
P4 EIP F . -6.22 -3.70 16.77
O5 EIP F . -5.77 -2.15 16.90
O6 EIP F . -4.38 -0.22 17.73
O7 EIP F . -3.90 -2.48 18.86
P8 EIP F . -4.37 -1.68 17.57
O9 EIP F . -3.26 -1.92 16.42
C10 EIP F . -3.31 -1.32 15.11
C11 EIP F . -4.45 -1.87 14.26
C12 EIP F . -5.51 -1.20 13.71
C13 EIP F . -6.55 -1.95 12.90
C14 EIP F . -5.78 0.29 13.82
O15 EIP F . -6.04 -2.04 11.54
#